data_3J6P
#
_entry.id   3J6P
#
_cell.length_a   1.000
_cell.length_b   1.000
_cell.length_c   1.000
_cell.angle_alpha   90.00
_cell.angle_beta   90.00
_cell.angle_gamma   90.00
#
_symmetry.space_group_name_H-M   'P 1'
#
loop_
_entity.id
_entity.type
_entity.pdbx_description
1 polymer 'Dynein heavy chain, cytoplasmic'
2 polymer 'Tubulin alpha-1A chain'
3 polymer 'Tubulin beta chain'
4 non-polymer 'MAGNESIUM ION'
5 non-polymer "GUANOSINE-5'-TRIPHOSPHATE"
6 non-polymer "GUANOSINE-5'-DIPHOSPHATE"
7 non-polymer TAXOL
#
loop_
_entity_poly.entity_id
_entity_poly.type
_entity_poly.pdbx_seq_one_letter_code
_entity_poly.pdbx_strand_id
1 'polypeptide(L)'
;TIKKKHLDEIKSLPKPPTPVKLAMEAVCLMLGGKKLEWADIRKKIMEPNFITSIINYDTKKMMTPKIREAITKGYLEDPG
FDYETVNRASKACGPLVKWATAQTYYSE
;
D
2 'polypeptide(L)'
;MRECISIHVGQAGVQIGNACWELYCLEHGIQPDGQMPSDKTIGGGDDSFNTFFSETGAGKHVPRAVFVDLEPTVIDEVRT
GTYRQLFHPEQLITGKEDAANNYARGHYTIGKEIIDLVLDRIRKLADQCTGLQGFSVFHSFGGGTGSGFTSLLMERLSVD
YGKKSKLEFSIYPAPQVSTAVVEPYNSILTTHTTLEHSDCAFMVDNEAIYDICRRNLDIERPTYTNLNRLIGQIVSSITA
SLRFDGALNVDLTEFQTNLVPYPRGHFPLATYAPVISAEKAYHEQLSVAEITNACFEPANQMVKCDPRHGKYMACCLLYR
GDVVPKDVNAAIATIKTKRTIQFVDWCPTGFKVGINYEPPTVVPGGDLAKVQRAVCMLSNTTAIAEAWARLDHKFDLMYA
KRAFVHWYVGEGMEEGEFSEAREDMAALEKDYEEVGVDSVEGEGEEEGEEY
;
A
3 'polypeptide(L)'
;MREIVHIQAGQCGNQIGAKFWEVISDEHGIDPTGSYHGDSDLQLERINVYYNEAAGNKYVPRAILVDLEPGTMDSVRSGP
FGQIFRPDNFVFGQSGAGNNWAKGHYTEGAELVDSVLDVVRKESESCDCLQGFQLTHSLGGGTGSGMGTLLISKIREEYP
DRIMNTFSVVPSPKVSDTVVEPYNATLSVHQLVENTDETYCIDNEALYDICFRTLKLTTPTYGDLNHLVSATMSGVTTCL
RFPGQLNADLRKLAVNMVPFPRLHFFMPGFAPLTSRGSQQYRALTVPELTQQMFDAKNMMAACDPRHGRYLTVAAVFRGR
MSMKEVDEQMLNVQNKNSSYFVEWIPNNVKTAVCDIPPRGLKMSATFIGNSTAIQELFKRISEQFTAMFRRKAFLHWYTG
EGMDEMEFTEAESNMNDLVSEYQQYQDATADEQGEFEEEGEEDEA
;
B
#
# COMPACT_ATOMS: atom_id res chain seq x y z
N THR A 1 17.64 -17.93 22.70
CA THR A 1 17.29 -19.12 21.89
C THR A 1 17.07 -18.72 20.46
N ILE A 2 16.12 -19.40 19.79
CA ILE A 2 16.01 -19.24 18.36
C ILE A 2 15.45 -17.88 18.09
N LYS A 3 16.04 -17.18 17.10
CA LYS A 3 15.70 -15.81 16.90
C LYS A 3 14.28 -15.74 16.44
N LYS A 4 13.59 -14.68 16.89
CA LYS A 4 12.19 -14.49 16.67
C LYS A 4 11.96 -14.28 15.22
N LYS A 5 13.00 -13.80 14.50
CA LYS A 5 12.89 -13.39 13.13
C LYS A 5 12.30 -14.54 12.38
N HIS A 6 12.76 -15.76 12.70
CA HIS A 6 12.24 -16.88 12.00
C HIS A 6 10.78 -17.05 12.31
N LEU A 7 10.37 -16.89 13.60
CA LEU A 7 9.04 -17.27 14.00
C LEU A 7 8.01 -16.41 13.33
N ASP A 8 8.15 -15.09 13.42
CA ASP A 8 7.09 -14.22 12.98
C ASP A 8 6.92 -14.44 11.53
N GLU A 9 8.01 -14.80 10.85
CA GLU A 9 8.04 -14.82 9.42
C GLU A 9 6.93 -15.73 8.98
N ILE A 10 6.85 -16.93 9.59
CA ILE A 10 5.84 -17.87 9.23
C ILE A 10 4.50 -17.34 9.62
N LYS A 11 4.39 -16.83 10.86
CA LYS A 11 3.12 -16.53 11.46
C LYS A 11 2.41 -15.43 10.73
N SER A 12 3.12 -14.32 10.47
CA SER A 12 2.43 -13.14 10.02
C SER A 12 1.84 -13.44 8.70
N LEU A 13 2.46 -14.38 7.97
CA LEU A 13 2.09 -14.67 6.63
C LEU A 13 0.63 -15.02 6.62
N PRO A 14 -0.18 -14.26 5.94
CA PRO A 14 -1.60 -14.47 6.01
C PRO A 14 -1.97 -15.83 5.55
N LYS A 15 -1.35 -16.32 4.46
CA LYS A 15 -1.57 -17.68 4.10
C LYS A 15 -0.25 -18.26 3.74
N PRO A 16 0.23 -19.10 4.57
CA PRO A 16 1.58 -19.56 4.44
C PRO A 16 1.64 -20.41 3.21
N PRO A 17 2.79 -20.67 2.69
CA PRO A 17 2.92 -21.57 1.58
C PRO A 17 2.32 -22.85 2.05
N THR A 18 1.59 -23.56 1.16
CA THR A 18 0.71 -24.57 1.67
C THR A 18 1.48 -25.63 2.40
N PRO A 19 2.52 -26.24 1.86
CA PRO A 19 3.15 -27.34 2.50
C PRO A 19 3.76 -26.88 3.77
N VAL A 20 4.07 -25.58 3.88
CA VAL A 20 4.61 -25.05 5.10
C VAL A 20 3.55 -25.17 6.13
N LYS A 21 2.32 -24.76 5.76
CA LYS A 21 1.20 -24.79 6.65
C LYS A 21 0.95 -26.22 7.00
N LEU A 22 1.04 -27.10 5.99
CA LEU A 22 0.80 -28.48 6.22
C LEU A 22 1.84 -28.96 7.18
N ALA A 23 3.09 -28.49 6.99
CA ALA A 23 4.17 -28.87 7.83
C ALA A 23 3.86 -28.40 9.22
N MET A 24 3.38 -27.15 9.33
CA MET A 24 3.11 -26.59 10.63
C MET A 24 2.02 -27.40 11.24
N GLU A 25 1.05 -27.81 10.42
CA GLU A 25 0.01 -28.64 10.95
C GLU A 25 0.66 -29.87 11.44
N ALA A 26 1.64 -30.40 10.68
CA ALA A 26 2.27 -31.63 11.08
C ALA A 26 2.97 -31.42 12.39
N VAL A 27 3.76 -30.35 12.49
CA VAL A 27 4.54 -30.12 13.68
C VAL A 27 3.61 -29.87 14.82
N CYS A 28 2.56 -29.07 14.57
CA CYS A 28 1.63 -28.75 15.61
C CYS A 28 0.99 -30.03 16.00
N LEU A 29 0.79 -30.91 14.99
CA LEU A 29 0.19 -32.20 15.10
C LEU A 29 1.06 -33.07 15.96
N MET A 30 2.39 -32.94 15.81
CA MET A 30 3.29 -33.67 16.66
C MET A 30 3.05 -33.17 18.05
N LEU A 31 2.83 -31.84 18.15
CA LEU A 31 2.46 -31.23 19.39
C LEU A 31 1.13 -31.79 19.78
N GLY A 32 0.35 -32.25 18.79
CA GLY A 32 -0.88 -32.92 19.07
C GLY A 32 -1.97 -31.92 19.13
N GLY A 33 -1.86 -30.86 18.32
CA GLY A 33 -2.91 -29.88 18.31
C GLY A 33 -4.17 -30.60 17.94
N LYS A 34 -5.18 -30.49 18.83
CA LYS A 34 -6.43 -31.14 18.61
C LYS A 34 -7.09 -30.50 17.44
N LYS A 35 -7.02 -29.16 17.37
CA LYS A 35 -7.78 -28.44 16.39
C LYS A 35 -7.09 -28.56 15.06
N LEU A 36 -7.91 -28.70 14.00
CA LEU A 36 -7.44 -28.59 12.64
C LEU A 36 -7.02 -27.18 12.42
N GLU A 37 -7.81 -26.23 12.99
CA GLU A 37 -7.92 -24.89 12.50
C GLU A 37 -6.69 -24.10 12.76
N TRP A 38 -6.51 -23.04 11.95
CA TRP A 38 -5.39 -22.15 12.02
C TRP A 38 -5.40 -21.41 13.31
N ALA A 39 -6.54 -20.80 13.66
CA ALA A 39 -6.54 -19.77 14.66
C ALA A 39 -6.06 -20.37 15.94
N ASP A 40 -6.54 -21.58 16.25
CA ASP A 40 -6.18 -22.20 17.48
C ASP A 40 -4.70 -22.38 17.48
N ILE A 41 -4.14 -22.74 16.30
CA ILE A 41 -2.72 -22.82 16.24
C ILE A 41 -2.18 -21.45 16.49
N ARG A 42 -2.80 -20.42 15.88
CA ARG A 42 -2.14 -19.16 15.74
C ARG A 42 -1.82 -18.63 17.09
N LYS A 43 -2.85 -18.55 17.96
CA LYS A 43 -2.60 -17.93 19.23
C LYS A 43 -1.66 -18.82 19.97
N LYS A 44 -1.76 -20.14 19.75
CA LYS A 44 -0.85 -21.07 20.33
C LYS A 44 0.53 -20.67 19.93
N ILE A 45 0.71 -20.27 18.65
CA ILE A 45 2.04 -20.13 18.12
C ILE A 45 2.77 -19.09 18.93
N MET A 46 2.12 -17.95 19.23
CA MET A 46 2.78 -17.01 20.08
C MET A 46 2.21 -17.22 21.44
N GLU A 47 3.02 -17.81 22.33
CA GLU A 47 2.62 -17.94 23.70
C GLU A 47 3.86 -18.23 24.47
N PRO A 48 3.94 -17.75 25.68
CA PRO A 48 5.18 -17.76 26.39
C PRO A 48 5.67 -19.16 26.55
N ASN A 49 4.75 -20.13 26.75
CA ASN A 49 5.17 -21.48 26.91
C ASN A 49 5.72 -21.94 25.62
N PHE A 50 5.15 -21.44 24.50
CA PHE A 50 5.46 -22.00 23.23
C PHE A 50 6.92 -21.87 22.99
N ILE A 51 7.52 -20.71 23.29
CA ILE A 51 8.84 -20.47 22.80
C ILE A 51 9.78 -21.50 23.37
N THR A 52 9.77 -21.69 24.70
CA THR A 52 10.62 -22.67 25.33
C THR A 52 10.09 -24.04 25.09
N SER A 53 8.76 -24.20 25.12
CA SER A 53 8.18 -25.49 25.35
C SER A 53 8.63 -26.42 24.27
N ILE A 54 8.72 -25.89 23.04
CA ILE A 54 9.17 -26.72 21.95
C ILE A 54 10.58 -27.12 22.23
N ILE A 55 11.41 -26.13 22.64
CA ILE A 55 12.83 -26.29 22.57
C ILE A 55 13.23 -27.43 23.45
N ASN A 56 12.69 -27.49 24.68
CA ASN A 56 12.96 -28.63 25.50
C ASN A 56 11.73 -29.47 25.44
N TYR A 57 11.88 -30.76 25.10
CA TYR A 57 10.74 -31.62 25.15
C TYR A 57 11.05 -32.67 26.16
N ASP A 58 10.20 -32.76 27.20
CA ASP A 58 10.36 -33.80 28.17
C ASP A 58 9.97 -35.07 27.49
N THR A 59 10.78 -36.14 27.63
CA THR A 59 10.47 -37.35 26.93
C THR A 59 9.23 -37.95 27.53
N LYS A 60 9.12 -37.94 28.87
CA LYS A 60 8.07 -38.67 29.52
C LYS A 60 6.77 -38.10 29.09
N LYS A 61 6.74 -36.77 28.91
CA LYS A 61 5.50 -36.11 28.60
C LYS A 61 4.96 -36.66 27.31
N MET A 62 5.84 -36.87 26.30
CA MET A 62 5.35 -37.31 25.03
C MET A 62 4.89 -38.73 25.17
N MET A 63 3.77 -39.08 24.49
CA MET A 63 3.15 -40.36 24.71
C MET A 63 3.28 -41.19 23.48
N THR A 64 3.71 -42.46 23.66
CA THR A 64 4.12 -43.29 22.57
C THR A 64 2.97 -43.66 21.66
N PRO A 65 1.90 -44.24 22.14
CA PRO A 65 1.12 -45.07 21.27
C PRO A 65 0.56 -44.39 20.05
N LYS A 66 -0.27 -43.36 20.23
CA LYS A 66 -0.82 -42.66 19.11
C LYS A 66 0.25 -41.84 18.48
N ILE A 67 0.98 -41.08 19.32
CA ILE A 67 1.83 -40.02 18.87
C ILE A 67 2.96 -40.59 18.08
N ARG A 68 3.54 -41.70 18.56
CA ARG A 68 4.73 -42.23 17.97
C ARG A 68 4.42 -42.54 16.54
N GLU A 69 3.34 -43.31 16.33
CA GLU A 69 3.13 -43.96 15.06
C GLU A 69 2.85 -42.97 13.99
N ALA A 70 2.05 -41.92 14.27
CA ALA A 70 1.66 -41.07 13.18
C ALA A 70 2.89 -40.44 12.60
N ILE A 71 3.79 -39.96 13.48
CA ILE A 71 4.99 -39.31 13.04
C ILE A 71 5.83 -40.31 12.31
N THR A 72 5.92 -41.52 12.88
CA THR A 72 6.74 -42.60 12.40
C THR A 72 6.21 -43.08 11.10
N LYS A 73 4.91 -42.80 10.85
CA LYS A 73 4.11 -43.47 9.87
C LYS A 73 4.81 -43.35 8.57
N GLY A 74 5.61 -42.28 8.41
CA GLY A 74 5.91 -41.94 7.06
C GLY A 74 4.90 -40.94 6.68
N TYR A 75 4.62 -40.05 7.65
CA TYR A 75 4.39 -38.67 7.33
C TYR A 75 5.70 -38.26 6.70
N LEU A 76 6.80 -38.71 7.32
CA LEU A 76 8.12 -38.50 6.82
C LEU A 76 8.21 -39.19 5.50
N GLU A 77 7.59 -40.38 5.41
CA GLU A 77 7.65 -41.20 4.23
C GLU A 77 7.03 -40.42 3.14
N ASP A 78 6.15 -39.47 3.51
CA ASP A 78 5.32 -38.75 2.58
C ASP A 78 6.19 -38.24 1.48
N PRO A 79 5.49 -38.06 0.41
CA PRO A 79 6.03 -37.97 -0.92
C PRO A 79 6.80 -36.71 -1.14
N GLY A 80 7.33 -36.06 -0.09
CA GLY A 80 7.74 -34.70 -0.21
C GLY A 80 7.47 -34.00 1.08
N PHE A 81 6.94 -34.75 2.06
CA PHE A 81 6.89 -34.23 3.40
C PHE A 81 8.28 -34.01 3.90
N ASP A 82 9.20 -34.94 3.58
CA ASP A 82 10.34 -35.17 4.42
C ASP A 82 11.35 -34.08 4.29
N TYR A 83 12.57 -34.40 4.76
CA TYR A 83 13.58 -33.45 5.14
C TYR A 83 13.95 -32.60 3.98
N GLU A 84 14.25 -33.21 2.82
CA GLU A 84 14.94 -32.47 1.81
C GLU A 84 14.10 -31.33 1.34
N THR A 85 12.84 -31.59 0.96
CA THR A 85 12.05 -30.52 0.43
C THR A 85 11.78 -29.53 1.51
N VAL A 86 11.44 -30.03 2.72
CA VAL A 86 11.06 -29.14 3.79
C VAL A 86 12.22 -28.25 4.05
N ASN A 87 13.44 -28.79 3.94
CA ASN A 87 14.60 -28.04 4.28
C ASN A 87 14.68 -26.85 3.37
N ARG A 88 14.23 -27.01 2.12
CA ARG A 88 14.28 -25.92 1.19
C ARG A 88 13.46 -24.84 1.80
N ALA A 89 12.40 -25.23 2.52
CA ALA A 89 11.41 -24.30 2.96
C ALA A 89 12.08 -23.25 3.80
N SER A 90 12.98 -23.64 4.72
CA SER A 90 13.55 -22.59 5.51
C SER A 90 14.89 -23.00 6.01
N LYS A 91 15.71 -22.00 6.39
CA LYS A 91 16.91 -22.24 7.14
C LYS A 91 16.49 -22.74 8.48
N ALA A 92 15.43 -22.11 9.04
CA ALA A 92 15.07 -22.33 10.41
C ALA A 92 14.69 -23.76 10.58
N CYS A 93 13.88 -24.29 9.65
CA CYS A 93 13.30 -25.59 9.81
C CYS A 93 14.42 -26.57 9.84
N GLY A 94 15.52 -26.24 9.14
CA GLY A 94 16.51 -27.22 8.82
C GLY A 94 17.01 -27.90 10.05
N PRO A 95 17.37 -27.22 11.10
CA PRO A 95 17.94 -27.89 12.22
C PRO A 95 16.94 -28.85 12.78
N LEU A 96 15.64 -28.58 12.56
CA LEU A 96 14.58 -29.37 13.11
C LEU A 96 14.59 -30.73 12.48
N VAL A 97 14.88 -30.81 11.16
CA VAL A 97 14.78 -32.08 10.49
C VAL A 97 15.69 -33.04 11.18
N LYS A 98 16.88 -32.55 11.56
CA LYS A 98 17.83 -33.37 12.24
C LYS A 98 17.17 -33.85 13.49
N TRP A 99 16.39 -32.99 14.14
CA TRP A 99 15.82 -33.33 15.41
C TRP A 99 14.92 -34.51 15.23
N ALA A 100 14.17 -34.55 14.12
CA ALA A 100 13.19 -35.59 13.97
C ALA A 100 13.88 -36.91 14.01
N THR A 101 15.01 -37.06 13.27
CA THR A 101 15.71 -38.30 13.34
C THR A 101 16.90 -38.07 14.20
N ALA A 102 16.83 -38.53 15.45
CA ALA A 102 17.65 -37.96 16.46
C ALA A 102 17.48 -38.79 17.68
N GLN A 103 17.38 -38.12 18.84
CA GLN A 103 17.27 -38.78 20.10
C GLN A 103 16.07 -39.66 20.03
N THR A 104 15.01 -39.19 19.36
CA THR A 104 13.78 -39.92 19.33
C THR A 104 14.08 -41.28 18.78
N TYR A 105 14.79 -41.34 17.64
CA TYR A 105 15.07 -42.60 17.04
C TYR A 105 15.94 -43.40 17.97
N TYR A 106 16.98 -42.77 18.53
CA TYR A 106 17.99 -43.53 19.22
C TYR A 106 17.38 -44.21 20.40
N SER A 107 16.67 -43.46 21.25
CA SER A 107 16.23 -44.05 22.48
C SER A 107 15.28 -45.14 22.16
N GLU A 108 14.31 -44.85 21.27
CA GLU A 108 13.32 -45.83 20.98
C GLU A 108 13.96 -46.87 20.07
N ARG B 2 -10.29 -7.30 -36.77
CA ARG B 2 -10.96 -5.99 -36.93
C ARG B 2 -10.82 -5.19 -35.70
N GLU B 3 -11.54 -5.59 -34.62
CA GLU B 3 -11.60 -4.77 -33.44
C GLU B 3 -10.67 -5.28 -32.40
N CYS B 4 -10.36 -4.43 -31.40
CA CYS B 4 -9.63 -4.87 -30.24
C CYS B 4 -10.41 -4.43 -29.05
N ILE B 5 -10.30 -5.21 -27.94
CA ILE B 5 -10.95 -4.88 -26.72
C ILE B 5 -9.88 -4.51 -25.77
N SER B 6 -10.11 -3.49 -24.93
CA SER B 6 -9.09 -3.19 -23.97
C SER B 6 -9.57 -3.66 -22.63
N ILE B 7 -8.61 -3.87 -21.71
CA ILE B 7 -8.96 -4.09 -20.34
C ILE B 7 -8.16 -3.11 -19.57
N HIS B 8 -8.78 -2.49 -18.55
CA HIS B 8 -8.05 -1.60 -17.71
C HIS B 8 -8.03 -2.22 -16.36
N VAL B 9 -6.85 -2.18 -15.70
CA VAL B 9 -6.72 -2.82 -14.45
C VAL B 9 -6.01 -1.89 -13.55
N GLY B 10 -6.14 -2.12 -12.24
CA GLY B 10 -5.42 -1.33 -11.30
C GLY B 10 -6.20 -0.08 -11.14
N GLN B 11 -5.96 0.64 -10.05
CA GLN B 11 -6.58 1.96 -9.98
C GLN B 11 -6.03 2.81 -11.09
N ALA B 12 -4.71 2.97 -11.12
CA ALA B 12 -4.08 3.80 -12.14
C ALA B 12 -4.53 3.42 -13.55
N GLY B 13 -4.48 2.12 -13.88
CA GLY B 13 -4.93 1.68 -15.17
C GLY B 13 -6.35 2.12 -15.34
N VAL B 14 -7.11 2.12 -14.23
CA VAL B 14 -8.47 2.59 -14.26
C VAL B 14 -8.53 4.04 -14.62
N GLN B 15 -7.65 4.88 -14.05
CA GLN B 15 -7.73 6.34 -14.11
C GLN B 15 -7.30 6.75 -15.52
N ILE B 16 -6.31 6.02 -16.06
CA ILE B 16 -6.11 6.04 -17.47
C ILE B 16 -7.36 5.54 -18.12
N GLY B 17 -7.99 4.50 -17.53
CA GLY B 17 -9.14 3.91 -18.15
C GLY B 17 -10.17 4.99 -18.31
N ASN B 18 -10.24 5.90 -17.32
CA ASN B 18 -11.13 7.01 -17.32
C ASN B 18 -10.78 7.83 -18.51
N ALA B 19 -9.49 8.17 -18.63
CA ALA B 19 -9.01 9.10 -19.62
C ALA B 19 -9.23 8.54 -20.99
N CYS B 20 -8.85 7.27 -21.18
CA CYS B 20 -8.76 6.73 -22.50
C CYS B 20 -10.12 6.81 -23.10
N TRP B 21 -11.14 6.38 -22.34
CA TRP B 21 -12.46 6.45 -22.85
C TRP B 21 -12.84 7.89 -23.03
N GLU B 22 -12.50 8.74 -22.04
CA GLU B 22 -13.02 10.07 -22.03
C GLU B 22 -12.57 10.75 -23.28
N LEU B 23 -11.31 10.55 -23.66
CA LEU B 23 -10.81 11.19 -24.84
C LEU B 23 -11.60 10.67 -25.99
N TYR B 24 -11.95 9.37 -25.93
CA TYR B 24 -12.52 8.66 -27.05
C TYR B 24 -13.80 9.32 -27.43
N CYS B 25 -14.64 9.60 -26.41
CA CYS B 25 -15.98 10.03 -26.62
C CYS B 25 -15.92 11.32 -27.35
N LEU B 26 -14.94 12.16 -27.00
CA LEU B 26 -14.79 13.42 -27.66
C LEU B 26 -14.59 13.14 -29.12
N GLU B 27 -13.67 12.22 -29.42
CA GLU B 27 -13.27 12.03 -30.78
C GLU B 27 -14.46 11.58 -31.55
N HIS B 28 -15.10 10.50 -31.07
CA HIS B 28 -16.11 9.86 -31.85
C HIS B 28 -17.33 10.72 -31.92
N GLY B 29 -17.62 11.49 -30.86
CA GLY B 29 -18.81 12.26 -30.90
C GLY B 29 -19.93 11.38 -30.49
N ILE B 30 -19.62 10.38 -29.63
CA ILE B 30 -20.68 9.65 -29.02
C ILE B 30 -20.88 10.28 -27.69
N GLN B 31 -21.87 11.40 -27.39
CA GLN B 31 -22.07 12.07 -26.12
C GLN B 31 -22.32 11.08 -24.97
N PRO B 32 -22.52 11.63 -23.74
CA PRO B 32 -22.78 10.82 -22.51
C PRO B 32 -23.48 9.52 -22.72
N ASP B 33 -24.67 9.61 -23.30
CA ASP B 33 -25.53 8.48 -23.58
C ASP B 33 -25.73 8.30 -25.08
N GLY B 34 -24.95 7.41 -25.69
CA GLY B 34 -25.07 7.17 -27.12
C GLY B 34 -25.56 5.77 -27.45
N HIS B 61 -23.14 4.65 -27.45
CA HIS B 61 -23.51 3.32 -27.93
C HIS B 61 -23.34 2.35 -26.76
N VAL B 62 -22.18 1.71 -26.72
CA VAL B 62 -21.81 0.74 -25.70
C VAL B 62 -20.28 0.60 -25.78
N PRO B 63 -19.56 0.48 -24.70
CA PRO B 63 -18.13 0.48 -24.55
C PRO B 63 -17.44 -0.70 -25.17
N ARG B 64 -16.14 -0.56 -25.50
CA ARG B 64 -15.24 -1.63 -25.84
C ARG B 64 -14.88 -2.45 -24.63
N ALA B 65 -14.64 -1.81 -23.47
CA ALA B 65 -13.68 -2.39 -22.55
C ALA B 65 -14.19 -2.39 -21.14
N VAL B 66 -13.58 -3.24 -20.29
CA VAL B 66 -13.97 -3.46 -18.91
C VAL B 66 -12.87 -2.94 -18.03
N PHE B 67 -13.18 -2.73 -16.73
CA PHE B 67 -12.19 -2.25 -15.80
C PHE B 67 -12.17 -3.21 -14.64
N VAL B 68 -10.98 -3.40 -14.02
CA VAL B 68 -10.90 -4.35 -12.92
C VAL B 68 -10.05 -3.77 -11.83
N ASP B 69 -10.58 -3.76 -10.58
CA ASP B 69 -9.84 -3.30 -9.45
C ASP B 69 -10.27 -4.07 -8.23
N LEU B 70 -9.29 -4.45 -7.39
CA LEU B 70 -9.50 -5.14 -6.15
C LEU B 70 -10.14 -4.24 -5.14
N GLU B 71 -9.83 -2.93 -5.20
CA GLU B 71 -10.23 -1.85 -4.30
C GLU B 71 -11.45 -1.28 -5.00
N PRO B 72 -12.57 -1.43 -4.32
CA PRO B 72 -13.86 -0.96 -4.74
C PRO B 72 -14.00 0.53 -4.92
N THR B 73 -13.32 1.35 -4.11
CA THR B 73 -13.71 2.73 -4.05
C THR B 73 -13.47 3.33 -5.41
N VAL B 74 -12.27 3.06 -5.95
CA VAL B 74 -11.76 3.70 -7.13
C VAL B 74 -12.64 3.36 -8.29
N ILE B 75 -12.97 2.06 -8.44
CA ILE B 75 -13.79 1.64 -9.53
C ILE B 75 -15.11 2.31 -9.35
N ASP B 76 -15.53 2.43 -8.09
CA ASP B 76 -16.76 3.07 -7.77
C ASP B 76 -16.65 4.49 -8.24
N GLU B 77 -15.43 5.03 -8.30
CA GLU B 77 -15.31 6.36 -8.83
C GLU B 77 -15.86 6.33 -10.22
N VAL B 78 -15.53 5.28 -10.98
CA VAL B 78 -16.07 5.17 -12.30
C VAL B 78 -17.55 5.08 -12.16
N ARG B 79 -18.01 4.29 -11.17
CA ARG B 79 -19.40 4.03 -11.03
C ARG B 79 -20.14 5.31 -10.76
N THR B 80 -19.67 6.13 -9.81
CA THR B 80 -20.30 7.37 -9.45
C THR B 80 -20.10 8.36 -10.56
N GLY B 81 -18.90 8.36 -11.15
CA GLY B 81 -18.37 9.53 -11.78
C GLY B 81 -18.76 9.57 -13.22
N THR B 82 -17.93 10.24 -14.04
CA THR B 82 -18.30 10.65 -15.35
C THR B 82 -18.55 9.44 -16.18
N TYR B 83 -19.32 9.61 -17.28
CA TYR B 83 -19.59 8.52 -18.18
C TYR B 83 -20.20 7.39 -17.43
N ARG B 84 -21.16 7.70 -16.53
CA ARG B 84 -21.67 6.70 -15.64
C ARG B 84 -22.35 5.60 -16.40
N GLN B 85 -23.33 5.96 -17.27
CA GLN B 85 -24.18 4.97 -17.88
C GLN B 85 -23.39 4.15 -18.84
N LEU B 86 -22.35 4.78 -19.43
CA LEU B 86 -21.76 4.34 -20.66
C LEU B 86 -21.33 2.91 -20.48
N PHE B 87 -20.71 2.59 -19.33
CA PHE B 87 -20.27 1.25 -19.11
C PHE B 87 -21.41 0.44 -18.60
N HIS B 88 -21.33 -0.90 -18.81
CA HIS B 88 -22.27 -1.80 -18.20
C HIS B 88 -21.62 -2.29 -16.95
N PRO B 89 -22.41 -2.53 -15.94
CA PRO B 89 -21.91 -3.00 -14.68
C PRO B 89 -21.29 -4.34 -14.90
N GLU B 90 -21.68 -5.02 -15.98
CA GLU B 90 -21.10 -6.27 -16.33
C GLU B 90 -19.67 -5.99 -16.63
N GLN B 91 -19.42 -4.84 -17.26
CA GLN B 91 -18.11 -4.50 -17.74
C GLN B 91 -17.18 -4.34 -16.58
N LEU B 92 -17.64 -3.68 -15.49
CA LEU B 92 -16.72 -3.33 -14.44
C LEU B 92 -16.64 -4.46 -13.47
N ILE B 93 -15.40 -4.76 -13.02
CA ILE B 93 -15.19 -5.83 -12.09
C ILE B 93 -14.51 -5.26 -10.89
N THR B 94 -14.95 -5.69 -9.69
CA THR B 94 -14.43 -5.07 -8.51
C THR B 94 -14.36 -6.12 -7.45
N GLY B 95 -13.80 -5.72 -6.29
CA GLY B 95 -13.87 -6.56 -5.13
C GLY B 95 -13.96 -5.64 -3.95
N LYS B 96 -14.73 -6.05 -2.93
CA LYS B 96 -14.80 -5.34 -1.69
C LYS B 96 -13.46 -5.44 -1.05
N GLU B 97 -12.78 -6.57 -1.34
CA GLU B 97 -11.60 -7.03 -0.67
C GLU B 97 -10.44 -6.12 -0.97
N ASP B 98 -9.33 -6.34 -0.23
CA ASP B 98 -8.23 -5.41 -0.10
C ASP B 98 -7.29 -5.54 -1.25
N ALA B 99 -6.87 -4.38 -1.81
CA ALA B 99 -5.93 -4.30 -2.90
C ALA B 99 -4.57 -4.79 -2.48
N ALA B 100 -4.08 -4.28 -1.34
CA ALA B 100 -2.71 -4.44 -0.92
C ALA B 100 -1.78 -3.90 -1.95
N ASN B 101 -0.74 -3.19 -1.47
CA ASN B 101 0.28 -2.72 -2.35
C ASN B 101 1.31 -3.78 -2.39
N ASN B 102 0.97 -4.98 -2.86
CA ASN B 102 2.02 -5.91 -3.07
C ASN B 102 1.59 -6.89 -4.11
N TYR B 103 2.61 -7.43 -4.80
CA TYR B 103 2.46 -8.32 -5.89
C TYR B 103 1.79 -9.56 -5.39
N ALA B 104 2.19 -10.02 -4.19
CA ALA B 104 1.83 -11.34 -3.78
C ALA B 104 0.34 -11.53 -3.68
N ARG B 105 -0.40 -10.67 -2.93
CA ARG B 105 -1.80 -10.99 -2.83
C ARG B 105 -2.38 -10.82 -4.17
N GLY B 106 -2.05 -9.69 -4.82
CA GLY B 106 -2.76 -9.30 -5.99
C GLY B 106 -2.58 -10.36 -7.01
N HIS B 107 -1.32 -10.83 -7.22
CA HIS B 107 -1.23 -11.89 -8.16
C HIS B 107 -1.88 -13.12 -7.61
N TYR B 108 -1.21 -13.77 -6.63
CA TYR B 108 -1.68 -15.07 -6.26
C TYR B 108 -2.90 -14.99 -5.40
N THR B 109 -2.71 -14.43 -4.18
CA THR B 109 -3.63 -14.82 -3.15
C THR B 109 -4.99 -14.24 -3.35
N ILE B 110 -5.10 -12.89 -3.25
CA ILE B 110 -6.41 -12.31 -3.39
C ILE B 110 -6.79 -12.46 -4.81
N GLY B 111 -5.93 -11.92 -5.69
CA GLY B 111 -5.51 -12.50 -6.94
C GLY B 111 -6.61 -13.29 -7.56
N LYS B 112 -6.55 -14.59 -7.26
CA LYS B 112 -7.15 -15.64 -8.02
C LYS B 112 -8.62 -15.45 -8.07
N GLU B 113 -9.24 -15.02 -6.95
CA GLU B 113 -10.66 -15.12 -6.84
C GLU B 113 -11.31 -14.33 -7.94
N ILE B 114 -10.83 -13.10 -8.17
CA ILE B 114 -11.46 -12.20 -9.09
C ILE B 114 -11.36 -12.70 -10.50
N ILE B 115 -10.22 -13.34 -10.86
CA ILE B 115 -9.86 -13.53 -12.24
C ILE B 115 -10.96 -14.24 -12.95
N ASP B 116 -11.62 -15.22 -12.27
CA ASP B 116 -12.59 -16.04 -12.93
C ASP B 116 -13.61 -15.13 -13.54
N LEU B 117 -14.07 -14.13 -12.77
CA LEU B 117 -15.03 -13.22 -13.32
C LEU B 117 -14.36 -12.49 -14.44
N VAL B 118 -13.09 -12.11 -14.25
CA VAL B 118 -12.44 -11.27 -15.21
C VAL B 118 -12.41 -11.98 -16.52
N LEU B 119 -11.88 -13.21 -16.53
CA LEU B 119 -11.61 -13.87 -17.78
C LEU B 119 -12.92 -14.06 -18.46
N ASP B 120 -13.94 -14.47 -17.69
CA ASP B 120 -15.20 -14.79 -18.28
C ASP B 120 -15.67 -13.56 -18.97
N ARG B 121 -15.39 -12.39 -18.37
CA ARG B 121 -15.79 -11.17 -18.99
C ARG B 121 -15.11 -11.06 -20.32
N ILE B 122 -13.77 -11.25 -20.36
CA ILE B 122 -13.07 -10.94 -21.57
C ILE B 122 -13.54 -11.88 -22.62
N ARG B 123 -13.67 -13.18 -22.30
CA ARG B 123 -14.14 -14.10 -23.30
C ARG B 123 -15.53 -13.70 -23.66
N LYS B 124 -16.34 -13.33 -22.64
CA LYS B 124 -17.72 -13.08 -22.89
C LYS B 124 -17.79 -11.96 -23.87
N LEU B 125 -16.99 -10.90 -23.65
CA LEU B 125 -16.96 -9.79 -24.56
C LEU B 125 -16.41 -10.25 -25.87
N ALA B 126 -15.36 -11.09 -25.82
CA ALA B 126 -14.63 -11.46 -27.00
C ALA B 126 -15.56 -12.17 -27.91
N ASP B 127 -16.46 -12.98 -27.33
CA ASP B 127 -17.27 -13.87 -28.11
C ASP B 127 -18.07 -13.04 -29.07
N GLN B 128 -18.68 -11.96 -28.56
CA GLN B 128 -19.65 -11.22 -29.32
C GLN B 128 -19.00 -10.58 -30.50
N CYS B 129 -17.79 -10.03 -30.33
CA CYS B 129 -17.21 -9.26 -31.40
C CYS B 129 -16.79 -10.19 -32.48
N THR B 130 -16.56 -9.63 -33.69
CA THR B 130 -16.18 -10.47 -34.79
C THR B 130 -14.74 -10.17 -35.09
N GLY B 131 -13.89 -11.20 -35.05
CA GLY B 131 -12.53 -11.03 -35.48
C GLY B 131 -11.83 -10.06 -34.59
N LEU B 132 -11.64 -10.42 -33.30
CA LEU B 132 -10.87 -9.54 -32.45
C LEU B 132 -9.43 -9.65 -32.83
N GLN B 133 -8.75 -8.49 -32.97
CA GLN B 133 -7.34 -8.47 -33.14
C GLN B 133 -6.68 -8.86 -31.85
N GLY B 134 -7.16 -8.34 -30.70
CA GLY B 134 -6.52 -8.64 -29.46
C GLY B 134 -6.93 -7.62 -28.47
N PHE B 135 -6.34 -7.68 -27.26
CA PHE B 135 -6.73 -6.79 -26.20
C PHE B 135 -5.58 -5.91 -25.90
N SER B 136 -5.84 -4.61 -25.68
CA SER B 136 -4.77 -3.75 -25.25
C SER B 136 -5.03 -3.48 -23.81
N VAL B 137 -4.29 -4.18 -22.92
CA VAL B 137 -4.57 -4.13 -21.52
C VAL B 137 -3.80 -2.99 -20.96
N PHE B 138 -4.40 -2.25 -20.01
CA PHE B 138 -3.70 -1.17 -19.41
C PHE B 138 -3.43 -1.58 -17.99
N HIS B 139 -2.24 -1.23 -17.48
CA HIS B 139 -1.99 -1.46 -16.09
C HIS B 139 -0.88 -0.57 -15.66
N SER B 140 -0.66 -0.44 -14.33
CA SER B 140 0.46 0.33 -13.85
C SER B 140 1.30 -0.59 -13.04
N PHE B 141 2.64 -0.42 -13.11
CA PHE B 141 3.51 -1.52 -12.87
C PHE B 141 3.36 -2.07 -11.48
N GLY B 142 3.54 -1.25 -10.44
CA GLY B 142 2.91 0.03 -10.27
C GLY B 142 2.06 -0.13 -9.05
N GLY B 143 1.63 -1.36 -8.74
CA GLY B 143 0.82 -1.58 -7.59
C GLY B 143 0.50 -3.04 -7.51
N GLY B 144 -0.20 -3.46 -6.45
CA GLY B 144 -0.59 -4.84 -6.30
C GLY B 144 -1.59 -5.20 -7.34
N THR B 145 -2.66 -4.41 -7.53
CA THR B 145 -3.62 -4.92 -8.49
C THR B 145 -3.07 -4.74 -9.89
N GLY B 146 -2.28 -3.66 -10.08
CA GLY B 146 -1.67 -3.33 -11.34
C GLY B 146 -0.65 -4.37 -11.68
N SER B 147 0.17 -4.75 -10.69
CA SER B 147 1.07 -5.85 -10.85
C SER B 147 0.20 -7.03 -10.60
N GLY B 148 0.80 -8.16 -10.15
CA GLY B 148 0.07 -9.14 -9.40
C GLY B 148 -1.11 -9.62 -10.17
N PHE B 149 -2.28 -8.99 -9.93
CA PHE B 149 -3.53 -9.41 -10.47
C PHE B 149 -3.41 -9.47 -11.96
N THR B 150 -2.91 -8.40 -12.60
CA THR B 150 -2.89 -8.34 -14.04
C THR B 150 -2.03 -9.43 -14.56
N SER B 151 -0.88 -9.69 -13.90
CA SER B 151 0.15 -10.49 -14.48
C SER B 151 -0.41 -11.84 -14.84
N LEU B 152 -1.21 -12.43 -13.94
CA LEU B 152 -1.83 -13.69 -14.22
C LEU B 152 -2.76 -13.51 -15.37
N LEU B 153 -3.49 -12.39 -15.37
CA LEU B 153 -4.60 -12.21 -16.26
C LEU B 153 -4.09 -12.36 -17.67
N MET B 154 -2.99 -11.65 -17.99
CA MET B 154 -2.36 -11.74 -19.27
C MET B 154 -1.81 -13.12 -19.40
N GLU B 155 -1.34 -13.69 -18.27
CA GLU B 155 -0.73 -14.99 -18.27
C GLU B 155 -1.72 -15.95 -18.84
N ARG B 156 -2.98 -15.89 -18.37
CA ARG B 156 -3.97 -16.83 -18.80
C ARG B 156 -4.20 -16.61 -20.26
N LEU B 157 -4.18 -15.33 -20.67
CA LEU B 157 -4.65 -14.96 -21.97
C LEU B 157 -3.80 -15.65 -22.99
N SER B 158 -2.48 -15.72 -22.74
CA SER B 158 -1.59 -16.22 -23.75
C SER B 158 -2.01 -17.60 -24.10
N VAL B 159 -2.27 -18.45 -23.09
CA VAL B 159 -2.64 -19.79 -23.43
C VAL B 159 -3.90 -19.71 -24.21
N ASP B 160 -4.92 -19.07 -23.62
CA ASP B 160 -6.24 -19.17 -24.19
C ASP B 160 -6.23 -18.56 -25.55
N TYR B 161 -6.02 -17.23 -25.63
CA TYR B 161 -6.26 -16.60 -26.89
C TYR B 161 -5.18 -16.95 -27.86
N GLY B 162 -3.92 -16.66 -27.50
CA GLY B 162 -2.76 -17.33 -28.03
C GLY B 162 -2.43 -16.73 -29.37
N LYS B 163 -3.37 -16.92 -30.31
CA LYS B 163 -3.30 -16.46 -31.66
C LYS B 163 -3.39 -14.98 -31.63
N LYS B 164 -4.16 -14.47 -30.65
CA LYS B 164 -4.44 -13.07 -30.54
C LYS B 164 -3.16 -12.36 -30.31
N SER B 165 -3.18 -11.03 -30.53
CA SER B 165 -2.05 -10.21 -30.24
C SER B 165 -2.34 -9.57 -28.92
N LYS B 166 -1.35 -9.56 -28.02
CA LYS B 166 -1.61 -9.05 -26.71
C LYS B 166 -0.64 -7.93 -26.47
N LEU B 167 -1.14 -6.68 -26.53
CA LEU B 167 -0.28 -5.59 -26.17
C LEU B 167 -0.64 -5.24 -24.78
N GLU B 168 0.35 -4.78 -23.98
CA GLU B 168 0.00 -4.28 -22.69
C GLU B 168 0.54 -2.89 -22.60
N PHE B 169 -0.25 -1.99 -22.01
CA PHE B 169 0.16 -0.63 -21.82
C PHE B 169 0.45 -0.50 -20.38
N SER B 170 1.66 -0.03 -20.04
CA SER B 170 2.04 -0.05 -18.66
C SER B 170 2.52 1.31 -18.30
N ILE B 171 2.42 1.66 -17.02
CA ILE B 171 3.05 2.84 -16.54
C ILE B 171 4.03 2.39 -15.52
N TYR B 172 5.27 2.88 -15.63
CA TYR B 172 6.42 2.21 -15.10
C TYR B 172 7.07 3.18 -14.18
N PRO B 173 7.72 2.67 -13.16
CA PRO B 173 7.92 3.47 -11.99
C PRO B 173 8.77 4.66 -12.32
N ALA B 174 8.41 5.84 -11.79
CA ALA B 174 9.21 6.99 -12.05
C ALA B 174 10.52 6.73 -11.38
N PRO B 175 11.58 7.14 -12.00
CA PRO B 175 12.90 6.82 -11.56
C PRO B 175 13.07 7.18 -10.13
N GLN B 176 13.03 8.49 -9.81
CA GLN B 176 13.09 8.97 -8.46
C GLN B 176 11.77 8.77 -7.77
N VAL B 177 10.68 9.08 -8.50
CA VAL B 177 9.46 9.58 -7.95
C VAL B 177 8.71 8.58 -7.11
N SER B 178 8.80 7.28 -7.45
CA SER B 178 7.79 6.26 -7.20
C SER B 178 7.13 6.44 -5.88
N THR B 179 5.77 6.41 -5.90
CA THR B 179 4.98 6.57 -4.72
C THR B 179 5.17 5.40 -3.80
N ALA B 180 5.02 4.17 -4.33
CA ALA B 180 4.90 3.04 -3.44
C ALA B 180 6.24 2.68 -2.92
N VAL B 181 6.28 2.27 -1.63
CA VAL B 181 7.50 1.84 -1.01
C VAL B 181 7.93 0.55 -1.66
N VAL B 182 6.95 -0.36 -1.84
CA VAL B 182 7.17 -1.72 -2.25
C VAL B 182 7.68 -1.75 -3.65
N GLU B 183 7.45 -0.68 -4.42
CA GLU B 183 7.09 -0.76 -5.81
C GLU B 183 8.02 -1.66 -6.57
N PRO B 184 9.31 -1.56 -6.45
CA PRO B 184 10.18 -2.27 -7.35
C PRO B 184 9.97 -3.74 -7.24
N TYR B 185 9.43 -4.20 -6.09
CA TYR B 185 9.16 -5.60 -5.95
C TYR B 185 8.12 -5.96 -6.97
N ASN B 186 7.08 -5.11 -7.08
CA ASN B 186 5.96 -5.45 -7.91
C ASN B 186 6.41 -5.54 -9.33
N SER B 187 7.16 -4.53 -9.80
CA SER B 187 7.37 -4.36 -11.20
C SER B 187 8.11 -5.54 -11.74
N ILE B 188 9.17 -5.98 -11.02
CA ILE B 188 10.03 -6.97 -11.57
C ILE B 188 9.21 -8.18 -11.80
N LEU B 189 8.38 -8.52 -10.81
CA LEU B 189 7.60 -9.72 -10.91
C LEU B 189 6.64 -9.56 -12.05
N THR B 190 6.03 -8.37 -12.17
CA THR B 190 5.06 -8.15 -13.21
C THR B 190 5.74 -8.32 -14.52
N THR B 191 6.88 -7.64 -14.71
CA THR B 191 7.53 -7.69 -16.00
C THR B 191 7.95 -9.09 -16.24
N HIS B 192 8.45 -9.77 -15.20
CA HIS B 192 8.97 -11.10 -15.38
C HIS B 192 7.86 -11.99 -15.86
N THR B 193 6.71 -11.97 -15.16
CA THR B 193 5.69 -12.95 -15.40
C THR B 193 5.14 -12.78 -16.77
N THR B 194 4.79 -11.53 -17.12
CA THR B 194 4.04 -11.22 -18.31
C THR B 194 4.87 -11.48 -19.52
N LEU B 195 6.20 -11.45 -19.36
CA LEU B 195 7.11 -11.18 -20.44
C LEU B 195 6.87 -12.13 -21.57
N GLU B 196 6.73 -13.43 -21.29
CA GLU B 196 6.55 -14.34 -22.38
C GLU B 196 5.27 -13.99 -23.06
N HIS B 197 4.24 -13.69 -22.26
CA HIS B 197 2.86 -13.60 -22.66
C HIS B 197 2.63 -12.47 -23.62
N SER B 198 3.22 -11.28 -23.41
CA SER B 198 2.69 -10.16 -24.14
C SER B 198 3.35 -10.06 -25.48
N ASP B 199 2.57 -9.75 -26.54
CA ASP B 199 3.11 -9.52 -27.84
C ASP B 199 3.95 -8.28 -27.80
N CYS B 200 3.39 -7.19 -27.26
CA CYS B 200 4.14 -5.96 -27.20
C CYS B 200 3.60 -5.18 -26.05
N ALA B 201 4.49 -4.48 -25.32
CA ALA B 201 4.02 -3.71 -24.20
C ALA B 201 4.55 -2.33 -24.34
N PHE B 202 3.70 -1.32 -24.07
CA PHE B 202 4.12 0.04 -24.15
C PHE B 202 4.37 0.48 -22.75
N MET B 203 5.42 1.31 -22.55
CA MET B 203 5.69 1.76 -21.22
C MET B 203 5.78 3.25 -21.27
N VAL B 204 5.10 3.93 -20.32
CA VAL B 204 5.19 5.36 -20.30
C VAL B 204 5.50 5.75 -18.89
N ASP B 205 6.38 6.75 -18.72
CA ASP B 205 6.89 7.05 -17.41
C ASP B 205 6.16 8.23 -16.86
N ASN B 206 5.69 8.09 -15.62
CA ASN B 206 4.94 9.11 -14.89
C ASN B 206 5.70 10.41 -14.63
N GLU B 207 6.89 10.35 -14.02
CA GLU B 207 7.50 11.62 -13.77
C GLU B 207 7.98 12.15 -15.08
N ALA B 208 8.31 11.21 -15.98
CA ALA B 208 8.94 11.55 -17.23
C ALA B 208 8.03 12.44 -17.99
N ILE B 209 6.72 12.11 -17.98
CA ILE B 209 5.69 12.88 -18.60
C ILE B 209 5.69 14.23 -17.97
N TYR B 210 5.93 14.27 -16.65
CA TYR B 210 5.77 15.46 -15.88
C TYR B 210 6.62 16.52 -16.49
N ASP B 211 7.86 16.17 -16.91
CA ASP B 211 8.73 17.15 -17.45
C ASP B 211 8.06 17.75 -18.64
N ILE B 212 7.32 16.92 -19.41
CA ILE B 212 6.62 17.46 -20.54
C ILE B 212 5.71 18.50 -20.02
N CYS B 213 5.01 18.19 -18.92
CA CYS B 213 4.08 19.15 -18.40
C CYS B 213 4.85 20.36 -18.03
N ARG B 214 5.93 20.18 -17.24
CA ARG B 214 6.54 21.32 -16.65
C ARG B 214 7.07 22.20 -17.72
N ARG B 215 8.01 21.68 -18.54
CA ARG B 215 8.57 22.56 -19.52
C ARG B 215 7.57 22.86 -20.58
N ASN B 216 6.98 21.82 -21.19
CA ASN B 216 6.34 22.09 -22.44
C ASN B 216 5.07 22.90 -22.28
N LEU B 217 4.06 22.41 -21.53
CA LEU B 217 2.90 23.23 -21.28
C LEU B 217 3.17 24.21 -20.19
N ASP B 218 4.15 23.93 -19.29
CA ASP B 218 4.32 24.78 -18.13
C ASP B 218 3.14 24.71 -17.22
N ILE B 219 2.83 23.50 -16.69
CA ILE B 219 1.95 23.45 -15.56
C ILE B 219 2.74 22.97 -14.37
N GLU B 220 2.85 23.80 -13.33
CA GLU B 220 3.38 23.41 -12.04
C GLU B 220 2.35 22.61 -11.31
N ARG B 221 1.06 22.90 -11.62
CA ARG B 221 -0.13 22.35 -11.02
C ARG B 221 -0.41 20.90 -11.32
N PRO B 222 0.00 20.25 -12.40
CA PRO B 222 -0.80 19.28 -13.10
C PRO B 222 -1.21 18.17 -12.20
N THR B 223 -2.46 17.70 -12.36
CA THR B 223 -2.97 16.67 -11.53
C THR B 223 -2.76 15.38 -12.25
N TYR B 224 -3.21 14.28 -11.63
CA TYR B 224 -3.07 12.98 -12.27
C TYR B 224 -3.97 13.04 -13.49
N THR B 225 -5.11 13.72 -13.37
CA THR B 225 -6.03 13.80 -14.47
C THR B 225 -5.31 14.32 -15.68
N ASN B 226 -4.39 15.29 -15.48
CA ASN B 226 -3.72 15.88 -16.61
C ASN B 226 -2.95 14.83 -17.35
N LEU B 227 -2.18 14.01 -16.61
CA LEU B 227 -1.27 13.11 -17.27
C LEU B 227 -2.08 12.18 -18.09
N ASN B 228 -3.18 11.69 -17.49
CA ASN B 228 -4.01 10.70 -18.08
C ASN B 228 -4.51 11.27 -19.36
N ARG B 229 -4.80 12.58 -19.36
CA ARG B 229 -5.24 13.20 -20.57
C ARG B 229 -4.15 13.07 -21.58
N LEU B 230 -2.90 13.28 -21.17
CA LEU B 230 -1.79 13.25 -22.08
C LEU B 230 -1.73 11.88 -22.68
N ILE B 231 -1.83 10.84 -21.83
CA ILE B 231 -1.77 9.49 -22.31
C ILE B 231 -2.95 9.28 -23.20
N GLY B 232 -4.09 9.86 -22.82
CA GLY B 232 -5.31 9.81 -23.56
C GLY B 232 -4.99 10.12 -24.97
N GLN B 233 -4.31 11.25 -25.20
CA GLN B 233 -4.06 11.66 -26.55
C GLN B 233 -3.22 10.61 -27.22
N ILE B 234 -2.13 10.16 -26.56
CA ILE B 234 -1.21 9.30 -27.23
C ILE B 234 -1.89 8.01 -27.56
N VAL B 235 -2.65 7.45 -26.60
CA VAL B 235 -3.29 6.19 -26.84
C VAL B 235 -4.25 6.35 -27.98
N SER B 236 -4.92 7.52 -28.06
CA SER B 236 -5.99 7.71 -29.00
C SER B 236 -5.45 7.43 -30.36
N SER B 237 -4.18 7.78 -30.61
CA SER B 237 -3.63 7.44 -31.88
C SER B 237 -3.65 5.94 -32.02
N ILE B 238 -3.07 5.22 -31.04
CA ILE B 238 -2.73 3.87 -31.33
C ILE B 238 -3.97 3.07 -31.59
N THR B 239 -4.89 2.98 -30.62
CA THR B 239 -6.05 2.20 -30.89
C THR B 239 -6.94 2.91 -31.85
N ALA B 240 -7.40 4.11 -31.44
CA ALA B 240 -8.59 4.65 -32.02
C ALA B 240 -8.37 5.02 -33.45
N SER B 241 -7.32 5.81 -33.70
CA SER B 241 -7.15 6.44 -34.97
C SER B 241 -6.81 5.40 -35.98
N LEU B 242 -5.91 4.49 -35.58
CA LEU B 242 -5.31 3.58 -36.52
C LEU B 242 -6.39 2.71 -37.07
N ARG B 243 -7.25 2.21 -36.17
CA ARG B 243 -8.30 1.32 -36.56
C ARG B 243 -9.20 2.09 -37.46
N PHE B 244 -9.38 3.39 -37.14
CA PHE B 244 -10.04 4.32 -38.01
C PHE B 244 -9.25 4.29 -39.29
N ASP B 245 -9.96 4.20 -40.44
CA ASP B 245 -9.31 4.04 -41.70
C ASP B 245 -8.59 5.31 -41.99
N GLY B 246 -7.51 5.22 -42.78
CA GLY B 246 -6.64 6.34 -43.00
C GLY B 246 -5.71 5.97 -44.10
N ALA B 247 -4.86 6.91 -44.55
CA ALA B 247 -4.11 6.64 -45.73
C ALA B 247 -3.17 5.50 -45.50
N LEU B 248 -2.30 5.57 -44.47
CA LEU B 248 -1.32 4.53 -44.29
C LEU B 248 -1.90 3.29 -43.68
N ASN B 249 -2.88 3.42 -42.77
CA ASN B 249 -3.46 2.30 -42.07
C ASN B 249 -2.46 1.36 -41.50
N VAL B 250 -2.19 1.49 -40.17
CA VAL B 250 -1.35 0.53 -39.50
C VAL B 250 -2.20 -0.36 -38.63
N ASP B 251 -1.92 -1.68 -38.66
CA ASP B 251 -2.62 -2.66 -37.87
C ASP B 251 -1.98 -2.73 -36.51
N LEU B 252 -2.68 -3.35 -35.54
CA LEU B 252 -2.09 -3.61 -34.26
C LEU B 252 -0.99 -4.60 -34.47
N THR B 253 -1.25 -5.61 -35.33
CA THR B 253 -0.36 -6.71 -35.53
C THR B 253 0.92 -6.19 -36.09
N GLU B 254 0.83 -5.17 -36.97
CA GLU B 254 2.01 -4.62 -37.56
C GLU B 254 2.85 -4.12 -36.45
N PHE B 255 2.19 -3.58 -35.41
CA PHE B 255 2.86 -2.85 -34.37
C PHE B 255 3.94 -3.71 -33.84
N GLN B 256 3.57 -4.91 -33.39
CA GLN B 256 4.53 -5.81 -32.82
C GLN B 256 5.46 -6.23 -33.90
N THR B 257 4.91 -6.54 -35.09
CA THR B 257 5.71 -7.21 -36.08
C THR B 257 6.85 -6.32 -36.42
N ASN B 258 6.55 -5.09 -36.82
CA ASN B 258 7.60 -4.19 -37.19
C ASN B 258 8.38 -3.83 -35.97
N LEU B 259 7.68 -3.52 -34.86
CA LEU B 259 8.35 -2.94 -33.74
C LEU B 259 9.34 -3.90 -33.16
N VAL B 260 8.93 -5.17 -32.93
CA VAL B 260 9.72 -5.94 -32.02
C VAL B 260 10.59 -6.88 -32.79
N PRO B 261 11.85 -6.74 -32.54
CA PRO B 261 12.86 -7.63 -33.02
C PRO B 261 12.71 -9.01 -32.46
N TYR B 262 12.34 -9.15 -31.17
CA TYR B 262 12.67 -10.40 -30.53
C TYR B 262 11.59 -10.81 -29.58
N PRO B 263 11.64 -12.06 -29.23
CA PRO B 263 10.55 -12.73 -28.61
C PRO B 263 10.17 -12.14 -27.29
N ARG B 264 11.10 -11.52 -26.55
CA ARG B 264 10.59 -10.79 -25.44
C ARG B 264 9.96 -9.59 -26.06
N GLY B 265 8.64 -9.42 -25.91
CA GLY B 265 8.03 -8.80 -24.76
C GLY B 265 8.27 -7.34 -24.90
N HIS B 266 8.95 -6.95 -25.98
CA HIS B 266 9.76 -5.77 -25.94
C HIS B 266 8.91 -4.56 -25.73
N PHE B 267 9.47 -3.59 -25.00
CA PHE B 267 8.69 -2.49 -24.51
C PHE B 267 9.20 -1.23 -25.14
N PRO B 268 8.41 -0.69 -26.04
CA PRO B 268 8.62 0.59 -26.65
C PRO B 268 8.27 1.68 -25.68
N LEU B 269 8.65 2.94 -26.03
CA LEU B 269 8.24 4.12 -25.34
C LEU B 269 7.29 4.85 -26.26
N ALA B 270 6.45 5.76 -25.72
CA ALA B 270 5.49 6.41 -26.58
C ALA B 270 5.69 7.89 -26.51
N THR B 271 5.69 8.58 -27.68
CA THR B 271 6.06 9.97 -27.70
C THR B 271 5.00 10.75 -28.45
N TYR B 272 4.78 12.02 -28.05
CA TYR B 272 3.83 12.88 -28.71
C TYR B 272 4.51 14.19 -28.98
N ALA B 273 4.59 14.60 -30.26
CA ALA B 273 5.18 15.89 -30.61
C ALA B 273 4.34 17.06 -30.14
N PRO B 274 3.05 17.09 -30.39
CA PRO B 274 2.29 18.33 -30.33
C PRO B 274 2.01 18.91 -28.98
N VAL B 275 2.72 18.48 -27.93
CA VAL B 275 2.31 18.65 -26.56
C VAL B 275 2.02 20.09 -26.24
N ILE B 276 2.56 21.05 -27.03
CA ILE B 276 2.41 22.49 -26.92
C ILE B 276 1.20 22.91 -26.14
N SER B 277 1.39 23.94 -25.29
CA SER B 277 0.45 24.37 -24.28
C SER B 277 -0.73 25.01 -24.92
N ALA B 278 -1.91 24.88 -24.28
CA ALA B 278 -3.05 25.47 -24.93
C ALA B 278 -2.92 26.95 -24.96
N GLU B 279 -2.87 27.60 -23.79
CA GLU B 279 -3.11 29.02 -23.77
C GLU B 279 -1.93 29.79 -24.29
N LYS B 280 -0.74 29.51 -23.74
CA LYS B 280 0.32 30.49 -23.76
C LYS B 280 0.81 30.76 -25.15
N ALA B 281 1.26 29.70 -25.86
CA ALA B 281 2.12 29.99 -26.98
C ALA B 281 1.49 29.44 -28.21
N TYR B 282 1.47 30.24 -29.29
CA TYR B 282 0.90 29.73 -30.50
C TYR B 282 1.87 29.83 -31.62
N HIS B 283 2.80 28.86 -31.69
CA HIS B 283 3.55 28.59 -32.89
C HIS B 283 2.73 27.78 -33.83
N GLU B 284 1.56 27.29 -33.35
CA GLU B 284 1.12 25.93 -33.39
C GLU B 284 1.20 25.38 -34.77
N GLN B 285 1.03 26.22 -35.81
CA GLN B 285 1.31 25.69 -37.11
C GLN B 285 2.77 25.38 -37.17
N LEU B 286 3.12 24.14 -36.79
CA LEU B 286 4.46 23.64 -36.85
C LEU B 286 4.32 22.48 -37.76
N SER B 287 4.84 22.62 -38.99
CA SER B 287 4.52 21.67 -39.99
C SER B 287 5.20 20.40 -39.66
N VAL B 288 5.09 19.42 -40.56
CA VAL B 288 5.42 18.06 -40.26
C VAL B 288 6.83 18.02 -39.81
N ALA B 289 7.72 18.77 -40.48
CA ALA B 289 9.12 18.60 -40.23
C ALA B 289 9.38 18.91 -38.78
N GLU B 290 8.84 20.04 -38.28
CA GLU B 290 9.16 20.45 -36.95
C GLU B 290 8.54 19.51 -35.96
N ILE B 291 7.27 19.13 -36.16
CA ILE B 291 6.59 18.38 -35.14
C ILE B 291 7.27 17.08 -34.95
N THR B 292 7.61 16.40 -36.07
CA THR B 292 8.24 15.12 -35.98
C THR B 292 9.53 15.32 -35.28
N ASN B 293 10.19 16.44 -35.61
CA ASN B 293 11.48 16.77 -35.10
C ASN B 293 11.36 16.86 -33.62
N ALA B 294 10.20 17.35 -33.14
CA ALA B 294 10.03 17.64 -31.74
C ALA B 294 10.24 16.39 -30.95
N CYS B 295 9.70 15.25 -31.43
CA CYS B 295 9.63 14.06 -30.62
C CYS B 295 11.01 13.60 -30.27
N PHE B 296 11.94 13.62 -31.25
CA PHE B 296 13.14 12.88 -31.12
C PHE B 296 13.91 13.39 -29.93
N GLU B 297 13.89 14.72 -29.73
CA GLU B 297 14.59 15.29 -28.62
C GLU B 297 14.10 14.62 -27.38
N PRO B 298 15.00 14.43 -26.45
CA PRO B 298 14.79 13.59 -25.32
C PRO B 298 13.70 14.15 -24.47
N ALA B 299 13.34 15.42 -24.68
CA ALA B 299 12.50 16.09 -23.74
C ALA B 299 11.15 15.43 -23.66
N ASN B 300 10.57 15.08 -24.82
CA ASN B 300 9.12 14.95 -24.84
C ASN B 300 8.74 13.49 -24.87
N GLN B 301 9.56 12.62 -24.23
CA GLN B 301 9.39 11.20 -24.38
C GLN B 301 8.15 10.75 -23.72
N MET B 302 7.75 11.39 -22.60
CA MET B 302 6.88 10.72 -21.68
C MET B 302 7.61 9.51 -21.18
N VAL B 303 8.94 9.53 -21.27
CA VAL B 303 9.68 8.49 -20.60
C VAL B 303 10.94 9.11 -20.08
N LYS B 304 11.40 8.59 -18.93
CA LYS B 304 12.56 9.11 -18.27
C LYS B 304 13.70 8.89 -19.18
N CYS B 305 13.54 7.99 -20.17
CA CYS B 305 14.64 7.27 -20.75
C CYS B 305 15.67 8.24 -21.24
N ASP B 306 15.26 9.31 -21.95
CA ASP B 306 16.16 10.32 -22.45
C ASP B 306 17.34 9.64 -23.05
N PRO B 307 17.25 9.13 -24.25
CA PRO B 307 18.14 8.14 -24.77
C PRO B 307 19.57 8.58 -24.60
N ARG B 308 20.24 8.14 -23.52
CA ARG B 308 21.59 8.59 -23.38
C ARG B 308 22.40 7.97 -24.46
N HIS B 309 22.60 6.65 -24.34
CA HIS B 309 23.24 5.82 -25.31
C HIS B 309 22.26 5.44 -26.38
N GLY B 310 20.98 5.37 -26.00
CA GLY B 310 20.08 4.37 -26.50
C GLY B 310 20.06 4.39 -28.00
N LYS B 311 20.09 3.17 -28.57
CA LYS B 311 19.91 2.92 -29.97
C LYS B 311 18.43 2.85 -30.19
N TYR B 312 17.98 3.09 -31.44
CA TYR B 312 16.59 2.96 -31.76
C TYR B 312 16.47 1.77 -32.66
N MET B 313 15.85 0.65 -32.18
CA MET B 313 15.68 -0.46 -33.06
C MET B 313 14.75 -0.08 -34.16
N ALA B 314 13.56 0.45 -33.79
CA ALA B 314 12.51 0.53 -34.75
C ALA B 314 11.49 1.49 -34.23
N CYS B 315 10.73 2.11 -35.15
CA CYS B 315 9.77 3.05 -34.71
C CYS B 315 8.54 2.86 -35.53
N CYS B 316 7.37 3.07 -34.88
CA CYS B 316 6.20 3.34 -35.63
C CYS B 316 5.95 4.78 -35.42
N LEU B 317 5.79 5.54 -36.52
CA LEU B 317 5.30 6.88 -36.31
C LEU B 317 3.93 6.89 -36.87
N LEU B 318 2.96 7.29 -36.04
CA LEU B 318 1.62 7.36 -36.54
C LEU B 318 1.23 8.80 -36.50
N TYR B 319 0.78 9.33 -37.65
CA TYR B 319 0.48 10.73 -37.74
C TYR B 319 -0.97 10.81 -37.99
N ARG B 320 -1.65 11.82 -37.40
CA ARG B 320 -2.96 12.14 -37.85
C ARG B 320 -2.95 13.61 -38.11
N GLY B 321 -3.88 14.07 -38.96
CA GLY B 321 -3.91 15.47 -39.28
C GLY B 321 -3.80 15.57 -40.76
N ASP B 322 -3.39 16.77 -41.24
CA ASP B 322 -3.15 16.94 -42.64
C ASP B 322 -1.71 16.62 -42.86
N VAL B 323 -1.42 15.46 -43.47
CA VAL B 323 -0.05 15.17 -43.73
C VAL B 323 0.07 14.82 -45.17
N VAL B 324 1.16 15.28 -45.82
CA VAL B 324 1.45 14.81 -47.13
C VAL B 324 2.58 13.86 -46.97
N PRO B 325 2.44 12.71 -47.55
CA PRO B 325 3.35 11.64 -47.32
C PRO B 325 4.72 12.02 -47.78
N LYS B 326 4.80 12.94 -48.76
CA LYS B 326 6.07 13.45 -49.20
C LYS B 326 6.66 14.20 -48.05
N ASP B 327 5.80 14.99 -47.36
CA ASP B 327 6.29 15.79 -46.28
C ASP B 327 6.86 14.84 -45.28
N VAL B 328 6.14 13.74 -45.01
CA VAL B 328 6.61 12.77 -44.07
C VAL B 328 7.88 12.18 -44.58
N ASN B 329 7.87 11.73 -45.84
CA ASN B 329 8.93 10.91 -46.35
C ASN B 329 10.17 11.72 -46.33
N ALA B 330 10.08 13.00 -46.73
CA ALA B 330 11.23 13.84 -46.71
C ALA B 330 11.68 13.94 -45.30
N ALA B 331 10.71 14.11 -44.37
CA ALA B 331 11.03 14.44 -43.02
C ALA B 331 11.83 13.34 -42.41
N ILE B 332 11.43 12.08 -42.65
CA ILE B 332 12.14 11.00 -42.03
C ILE B 332 13.53 11.00 -42.56
N ALA B 333 13.69 11.26 -43.87
CA ALA B 333 14.95 11.08 -44.51
C ALA B 333 15.95 11.97 -43.83
N THR B 334 15.59 13.23 -43.54
CA THR B 334 16.54 14.12 -42.93
C THR B 334 16.88 13.57 -41.58
N ILE B 335 15.85 13.06 -40.85
CA ILE B 335 16.07 12.61 -39.51
C ILE B 335 17.05 11.49 -39.57
N LYS B 336 16.89 10.61 -40.58
CA LYS B 336 17.68 9.42 -40.64
C LYS B 336 19.12 9.82 -40.67
N THR B 337 19.42 10.86 -41.49
CA THR B 337 20.76 11.27 -41.78
C THR B 337 21.46 11.88 -40.60
N LYS B 338 20.75 12.62 -39.72
CA LYS B 338 21.44 13.50 -38.80
C LYS B 338 22.38 12.69 -37.96
N ARG B 339 22.01 11.44 -37.66
CA ARG B 339 23.02 10.47 -37.34
C ARG B 339 23.59 10.69 -35.98
N THR B 340 23.05 11.68 -35.24
CA THR B 340 23.18 11.61 -33.82
C THR B 340 22.29 10.49 -33.40
N ILE B 341 21.22 10.31 -34.19
CA ILE B 341 20.15 9.39 -33.92
C ILE B 341 20.70 7.99 -33.88
N GLN B 342 21.62 7.66 -34.82
CA GLN B 342 22.32 6.41 -34.86
C GLN B 342 21.45 5.24 -34.55
N PHE B 343 20.77 4.72 -35.61
CA PHE B 343 20.02 3.49 -35.54
C PHE B 343 20.98 2.34 -35.44
N VAL B 344 20.46 1.18 -35.00
CA VAL B 344 21.24 -0.02 -34.90
C VAL B 344 21.53 -0.52 -36.27
N ASP B 345 22.69 -1.19 -36.44
CA ASP B 345 23.15 -1.64 -37.71
C ASP B 345 22.17 -2.63 -38.26
N TRP B 346 21.71 -3.58 -37.41
CA TRP B 346 21.08 -4.74 -37.96
C TRP B 346 19.85 -4.31 -38.70
N CYS B 347 19.15 -3.28 -38.20
CA CYS B 347 18.10 -2.73 -39.00
C CYS B 347 18.73 -1.77 -39.96
N PRO B 348 18.68 -2.08 -41.23
CA PRO B 348 19.05 -1.15 -42.26
C PRO B 348 18.23 0.09 -42.11
N THR B 349 16.90 -0.06 -42.08
CA THR B 349 16.02 1.03 -41.82
C THR B 349 14.93 0.46 -40.98
N GLY B 350 14.39 1.25 -40.05
CA GLY B 350 13.21 0.80 -39.40
C GLY B 350 12.39 2.02 -39.11
N PHE B 351 11.64 2.46 -40.13
CA PHE B 351 10.72 3.54 -39.91
C PHE B 351 9.41 3.07 -40.41
N LYS B 352 8.36 3.16 -39.57
CA LYS B 352 7.08 2.74 -40.05
C LYS B 352 6.21 3.94 -40.03
N VAL B 353 5.88 4.47 -41.22
CA VAL B 353 5.03 5.63 -41.24
C VAL B 353 3.62 5.14 -41.13
N GLY B 354 2.78 5.89 -40.40
CA GLY B 354 1.38 5.63 -40.45
C GLY B 354 0.72 6.96 -40.58
N ILE B 355 -0.23 7.07 -41.51
CA ILE B 355 -0.88 8.34 -41.68
C ILE B 355 -2.34 8.14 -41.47
N ASN B 356 -2.96 9.04 -40.67
CA ASN B 356 -4.36 8.97 -40.40
C ASN B 356 -4.94 10.27 -40.83
N TYR B 357 -6.18 10.22 -41.35
CA TYR B 357 -6.75 11.39 -41.95
C TYR B 357 -6.99 12.42 -40.90
N GLU B 358 -7.58 12.00 -39.76
CA GLU B 358 -8.34 12.91 -38.95
C GLU B 358 -7.51 13.36 -37.80
N PRO B 359 -7.53 14.65 -37.57
CA PRO B 359 -6.59 15.29 -36.71
C PRO B 359 -6.83 14.86 -35.30
N PRO B 360 -5.86 15.03 -34.47
CA PRO B 360 -5.95 14.71 -33.08
C PRO B 360 -7.03 15.57 -32.54
N THR B 361 -7.79 15.08 -31.54
CA THR B 361 -8.89 15.85 -31.06
C THR B 361 -8.57 16.27 -29.67
N VAL B 362 -8.66 17.58 -29.39
CA VAL B 362 -8.22 18.09 -28.13
C VAL B 362 -9.39 18.25 -27.23
N VAL B 363 -9.22 17.87 -25.95
CA VAL B 363 -10.30 17.95 -25.02
C VAL B 363 -10.55 19.41 -24.83
N PRO B 364 -11.80 19.78 -24.92
CA PRO B 364 -12.12 21.12 -25.30
C PRO B 364 -11.51 22.16 -24.42
N GLY B 365 -11.80 22.16 -23.11
CA GLY B 365 -11.20 23.21 -22.36
C GLY B 365 -9.73 23.00 -22.16
N GLY B 366 -9.37 21.86 -21.54
CA GLY B 366 -8.54 22.15 -20.42
C GLY B 366 -7.17 22.64 -20.80
N ASP B 367 -6.24 21.70 -21.07
CA ASP B 367 -4.88 22.05 -21.35
C ASP B 367 -4.50 22.10 -22.81
N LEU B 368 -5.14 21.29 -23.67
CA LEU B 368 -4.46 20.83 -24.85
C LEU B 368 -4.38 21.89 -25.91
N ALA B 369 -3.30 21.83 -26.71
CA ALA B 369 -2.97 22.76 -27.76
C ALA B 369 -3.96 22.72 -28.88
N LYS B 370 -4.45 21.51 -29.26
CA LYS B 370 -5.32 21.42 -30.42
C LYS B 370 -4.58 21.83 -31.66
N VAL B 371 -3.49 21.10 -31.97
CA VAL B 371 -2.76 21.28 -33.21
C VAL B 371 -3.53 20.63 -34.31
N GLN B 372 -3.37 21.14 -35.54
CA GLN B 372 -4.00 20.57 -36.70
C GLN B 372 -3.43 19.20 -36.93
N ARG B 373 -2.09 19.04 -36.81
CA ARG B 373 -1.50 17.77 -37.08
C ARG B 373 -0.69 17.37 -35.89
N ALA B 374 -0.59 16.04 -35.64
CA ALA B 374 0.16 15.60 -34.50
C ALA B 374 0.91 14.38 -34.87
N VAL B 375 2.01 14.12 -34.14
CA VAL B 375 2.72 12.89 -34.35
C VAL B 375 2.74 12.17 -33.05
N CYS B 376 2.55 10.84 -33.10
CA CYS B 376 2.87 10.01 -31.98
C CYS B 376 3.92 9.09 -32.50
N MET B 377 4.93 8.76 -31.69
CA MET B 377 5.86 7.81 -32.21
C MET B 377 6.30 6.93 -31.09
N LEU B 378 6.30 5.61 -31.35
CA LEU B 378 6.70 4.65 -30.38
C LEU B 378 7.93 4.01 -30.92
N SER B 379 8.76 3.42 -30.04
CA SER B 379 9.86 2.67 -30.57
C SER B 379 10.38 1.82 -29.47
N ASN B 380 11.04 0.70 -29.84
CA ASN B 380 11.78 0.01 -28.85
C ASN B 380 13.17 0.53 -28.97
N THR B 381 13.70 1.08 -27.86
CA THR B 381 15.00 1.65 -27.95
C THR B 381 15.86 0.92 -26.98
N THR B 382 17.17 0.99 -27.20
CA THR B 382 18.15 0.34 -26.37
C THR B 382 18.06 0.97 -25.02
N ALA B 383 17.61 2.24 -24.97
CA ALA B 383 17.70 3.11 -23.84
C ALA B 383 17.00 2.50 -22.65
N ILE B 384 15.91 1.76 -22.89
CA ILE B 384 15.11 1.25 -21.81
C ILE B 384 16.00 0.40 -20.95
N ALA B 385 17.03 -0.19 -21.55
CA ALA B 385 17.93 -1.04 -20.82
C ALA B 385 18.44 -0.24 -19.68
N GLU B 386 18.68 1.06 -19.88
CA GLU B 386 19.09 1.89 -18.79
C GLU B 386 18.02 1.85 -17.72
N ALA B 387 16.75 2.04 -18.11
CA ALA B 387 15.68 2.14 -17.13
C ALA B 387 15.60 0.86 -16.37
N TRP B 388 15.66 -0.27 -17.08
CA TRP B 388 15.44 -1.53 -16.44
C TRP B 388 16.51 -1.69 -15.43
N ALA B 389 17.76 -1.30 -15.77
CA ALA B 389 18.84 -1.52 -14.86
C ALA B 389 18.56 -0.78 -13.59
N ARG B 390 18.12 0.48 -13.72
CA ARG B 390 17.88 1.31 -12.57
C ARG B 390 16.78 0.68 -11.77
N LEU B 391 15.74 0.22 -12.48
CA LEU B 391 14.58 -0.35 -11.86
C LEU B 391 15.05 -1.54 -11.11
N ASP B 392 15.91 -2.32 -11.77
CA ASP B 392 16.42 -3.57 -11.33
C ASP B 392 17.19 -3.31 -10.07
N HIS B 393 17.96 -2.22 -10.06
CA HIS B 393 18.83 -1.91 -8.96
C HIS B 393 18.00 -1.69 -7.75
N LYS B 394 16.84 -1.04 -7.91
CA LYS B 394 16.02 -0.71 -6.77
C LYS B 394 15.70 -1.98 -6.07
N PHE B 395 15.39 -3.02 -6.86
CA PHE B 395 14.84 -4.24 -6.36
C PHE B 395 15.83 -4.83 -5.39
N ASP B 396 17.10 -4.91 -5.81
CA ASP B 396 18.07 -5.66 -5.08
C ASP B 396 18.31 -5.03 -3.75
N LEU B 397 18.29 -3.69 -3.68
CA LEU B 397 18.68 -3.03 -2.46
C LEU B 397 17.77 -3.49 -1.39
N MET B 398 16.45 -3.43 -1.65
CA MET B 398 15.55 -3.88 -0.64
C MET B 398 15.75 -5.33 -0.44
N TYR B 399 15.90 -6.10 -1.55
CA TYR B 399 15.73 -7.53 -1.52
C TYR B 399 16.77 -8.14 -0.63
N ALA B 400 18.01 -7.64 -0.68
CA ALA B 400 19.05 -8.29 0.08
C ALA B 400 18.69 -8.21 1.53
N LYS B 401 18.27 -7.02 1.99
CA LYS B 401 17.78 -6.86 3.33
C LYS B 401 16.53 -7.68 3.43
N ARG B 402 15.84 -7.80 2.30
CA ARG B 402 14.67 -8.60 2.10
C ARG B 402 13.45 -7.90 2.58
N ALA B 403 13.56 -6.90 3.47
CA ALA B 403 12.58 -5.86 3.44
C ALA B 403 11.20 -6.40 3.72
N PHE B 404 10.28 -5.91 2.88
CA PHE B 404 8.85 -6.00 2.88
C PHE B 404 8.45 -7.41 2.66
N VAL B 405 9.38 -8.24 2.15
CA VAL B 405 9.12 -9.51 1.53
C VAL B 405 8.23 -10.31 2.41
N HIS B 406 8.32 -10.13 3.75
CA HIS B 406 7.56 -10.95 4.65
C HIS B 406 6.12 -10.81 4.28
N TRP B 407 5.71 -9.61 3.84
CA TRP B 407 4.36 -9.42 3.40
C TRP B 407 4.10 -10.36 2.24
N TYR B 408 5.03 -10.38 1.27
CA TYR B 408 4.84 -11.14 0.07
C TYR B 408 4.77 -12.58 0.43
N VAL B 409 5.70 -13.05 1.25
CA VAL B 409 5.79 -14.47 1.47
C VAL B 409 4.47 -14.87 2.08
N GLY B 410 3.94 -13.97 2.89
CA GLY B 410 2.72 -14.31 3.61
C GLY B 410 1.70 -14.59 2.63
N GLU B 411 1.63 -13.73 1.58
CA GLU B 411 0.68 -14.00 0.58
C GLU B 411 1.10 -15.22 -0.17
N GLY B 412 2.43 -15.41 -0.33
CA GLY B 412 2.99 -16.69 -0.62
C GLY B 412 2.58 -17.20 -1.96
N MET B 413 3.37 -16.91 -3.02
CA MET B 413 4.67 -16.28 -2.97
C MET B 413 5.67 -17.12 -2.22
N GLU B 414 6.96 -17.02 -2.62
CA GLU B 414 8.01 -17.75 -1.98
C GLU B 414 9.28 -17.04 -2.28
N GLU B 415 10.41 -17.54 -1.73
CA GLU B 415 11.64 -16.80 -1.86
C GLU B 415 11.93 -16.64 -3.32
N GLY B 416 12.14 -17.74 -4.05
CA GLY B 416 11.12 -18.40 -4.80
C GLY B 416 10.98 -17.65 -6.08
N GLU B 417 9.86 -16.89 -6.17
CA GLU B 417 9.53 -16.10 -7.32
C GLU B 417 10.46 -14.94 -7.37
N PHE B 418 10.76 -14.33 -6.21
CA PHE B 418 11.43 -13.07 -6.23
C PHE B 418 12.74 -13.21 -6.92
N SER B 419 13.59 -14.12 -6.41
CA SER B 419 14.93 -14.23 -6.92
C SER B 419 14.88 -14.79 -8.30
N GLU B 420 14.05 -15.82 -8.50
CA GLU B 420 14.02 -16.49 -9.77
C GLU B 420 13.58 -15.50 -10.80
N ALA B 421 12.58 -14.68 -10.45
CA ALA B 421 12.13 -13.64 -11.33
C ALA B 421 13.28 -12.72 -11.53
N ARG B 422 14.04 -12.49 -10.45
CA ARG B 422 15.05 -11.48 -10.42
C ARG B 422 16.04 -11.80 -11.49
N GLU B 423 16.42 -13.09 -11.59
CA GLU B 423 17.39 -13.51 -12.55
C GLU B 423 16.83 -13.29 -13.92
N ASP B 424 15.53 -13.59 -14.11
CA ASP B 424 14.90 -13.60 -15.39
C ASP B 424 15.01 -12.24 -16.00
N MET B 425 14.65 -11.18 -15.25
CA MET B 425 14.73 -9.83 -15.69
C MET B 425 16.18 -9.45 -15.84
N ALA B 426 17.06 -10.08 -15.03
CA ALA B 426 18.47 -9.87 -15.18
C ALA B 426 18.81 -10.28 -16.58
N ALA B 427 18.16 -11.34 -17.07
CA ALA B 427 18.35 -11.78 -18.42
C ALA B 427 17.98 -10.63 -19.30
N LEU B 428 16.93 -9.89 -18.90
CA LEU B 428 16.43 -8.82 -19.70
C LEU B 428 17.53 -7.84 -19.92
N GLU B 429 18.29 -7.49 -18.85
CA GLU B 429 19.25 -6.45 -19.01
C GLU B 429 20.29 -6.89 -20.00
N LYS B 430 20.72 -8.17 -19.90
CA LYS B 430 21.71 -8.64 -20.83
C LYS B 430 21.12 -8.53 -22.19
N ASP B 431 19.85 -8.96 -22.30
CA ASP B 431 19.22 -9.08 -23.58
C ASP B 431 19.21 -7.73 -24.22
N TYR B 432 18.82 -6.70 -23.44
CA TYR B 432 18.72 -5.40 -24.02
C TYR B 432 20.08 -4.94 -24.42
N GLU B 433 21.08 -5.15 -23.54
CA GLU B 433 22.38 -4.62 -23.79
C GLU B 433 22.92 -5.23 -25.05
N GLU B 434 22.77 -6.57 -25.17
CA GLU B 434 23.41 -7.29 -26.23
C GLU B 434 22.87 -6.80 -27.53
N VAL B 435 21.56 -6.45 -27.54
CA VAL B 435 20.91 -6.13 -28.77
C VAL B 435 21.66 -4.98 -29.39
N GLY B 436 21.94 -3.93 -28.61
CA GLY B 436 22.73 -2.83 -29.13
C GLY B 436 24.16 -2.99 -28.71
N VAL B 437 24.94 -1.93 -28.96
CA VAL B 437 26.27 -1.71 -28.46
C VAL B 437 27.21 -2.67 -29.13
N ASP B 438 26.66 -3.65 -29.88
CA ASP B 438 27.54 -4.51 -30.60
C ASP B 438 27.06 -4.56 -32.01
N SER B 439 27.96 -4.87 -32.96
CA SER B 439 27.58 -4.86 -34.33
C SER B 439 27.74 -6.27 -34.89
N ARG C 2 -14.27 -2.62 3.12
CA ARG C 2 -13.52 -2.73 4.39
C ARG C 2 -14.26 -2.02 5.48
N GLU C 3 -14.23 -2.61 6.71
CA GLU C 3 -14.84 -1.97 7.83
C GLU C 3 -13.82 -1.97 8.93
N ILE C 4 -13.93 -1.02 9.88
CA ILE C 4 -13.00 -0.98 10.96
C ILE C 4 -13.77 -0.85 12.24
N VAL C 5 -13.27 -1.48 13.32
CA VAL C 5 -13.93 -1.38 14.58
C VAL C 5 -12.97 -0.76 15.54
N HIS C 6 -13.46 0.18 16.36
CA HIS C 6 -12.65 0.90 17.30
C HIS C 6 -12.63 0.17 18.62
N ILE C 7 -11.52 0.29 19.37
CA ILE C 7 -11.48 -0.25 20.70
C ILE C 7 -11.06 0.84 21.64
N GLN C 8 -11.74 0.93 22.79
CA GLN C 8 -11.29 1.86 23.80
C GLN C 8 -11.02 1.05 25.02
N ALA C 9 -9.75 0.98 25.45
CA ALA C 9 -9.48 0.23 26.63
C ALA C 9 -8.72 1.12 27.54
N GLY C 10 -9.06 1.07 28.85
CA GLY C 10 -8.40 1.91 29.78
C GLY C 10 -9.15 3.20 29.77
N GLN C 11 -8.95 4.02 30.82
CA GLN C 11 -9.57 5.34 30.94
C GLN C 11 -9.04 6.19 29.80
N CYS C 12 -7.73 6.37 29.75
CA CYS C 12 -7.14 7.17 28.70
C CYS C 12 -7.72 6.76 27.38
N GLY C 13 -7.44 5.55 26.86
CA GLY C 13 -8.44 4.54 26.80
C GLY C 13 -9.68 5.09 26.16
N ASN C 14 -10.70 5.23 27.03
CA ASN C 14 -11.99 5.83 26.92
C ASN C 14 -11.91 7.31 26.70
N GLN C 15 -11.03 8.06 27.43
CA GLN C 15 -11.13 9.52 27.36
C GLN C 15 -10.97 9.95 25.92
N ILE C 16 -9.93 9.40 25.27
CA ILE C 16 -9.58 9.72 23.92
C ILE C 16 -10.68 9.27 23.04
N GLY C 17 -11.27 8.11 23.37
CA GLY C 17 -12.27 7.53 22.53
C GLY C 17 -13.37 8.53 22.39
N ALA C 18 -13.70 9.24 23.49
CA ALA C 18 -14.79 10.17 23.38
C ALA C 18 -14.42 11.19 22.34
N LYS C 19 -13.19 11.69 22.41
CA LYS C 19 -12.74 12.73 21.51
C LYS C 19 -12.70 12.19 20.12
N PHE C 20 -12.20 10.95 19.96
CA PHE C 20 -11.92 10.41 18.67
C PHE C 20 -13.20 10.41 17.89
N TRP C 21 -14.26 9.86 18.52
CA TRP C 21 -15.55 9.82 17.92
C TRP C 21 -16.08 11.21 17.84
N GLU C 22 -15.65 12.09 18.78
CA GLU C 22 -16.13 13.43 18.78
C GLU C 22 -15.84 14.00 17.42
N VAL C 23 -14.58 13.91 16.98
CA VAL C 23 -14.24 14.43 15.70
C VAL C 23 -14.90 13.58 14.66
N ILE C 24 -14.78 12.25 14.80
CA ILE C 24 -15.08 11.39 13.71
C ILE C 24 -16.51 11.54 13.36
N SER C 25 -17.37 11.66 14.40
CA SER C 25 -18.78 11.76 14.20
C SER C 25 -18.98 12.97 13.36
N ASP C 26 -18.31 14.09 13.69
CA ASP C 26 -18.47 15.31 12.95
C ASP C 26 -17.95 15.09 11.57
N GLU C 27 -16.83 14.36 11.47
CA GLU C 27 -16.18 14.18 10.23
C GLU C 27 -17.15 13.49 9.32
N HIS C 28 -17.87 12.48 9.85
CA HIS C 28 -18.89 11.81 9.10
C HIS C 28 -20.13 12.63 9.01
N GLY C 29 -20.38 13.55 9.96
CA GLY C 29 -21.62 14.26 9.98
C GLY C 29 -22.67 13.47 10.72
N ILE C 30 -22.35 13.07 11.98
CA ILE C 30 -23.36 12.42 12.77
C ILE C 30 -23.62 13.25 14.00
N ASP C 31 -24.92 13.49 14.29
CA ASP C 31 -25.33 14.10 15.53
C ASP C 31 -25.40 13.01 16.56
N PRO C 32 -25.58 13.36 17.80
CA PRO C 32 -25.32 12.46 18.88
C PRO C 32 -26.03 11.15 18.76
N THR C 33 -27.38 11.10 18.87
CA THR C 33 -28.06 9.93 18.41
C THR C 33 -27.98 9.97 16.92
N GLY C 34 -28.39 11.12 16.35
CA GLY C 34 -27.79 11.67 15.18
C GLY C 34 -28.18 10.93 13.95
N SER C 35 -27.75 11.50 12.81
CA SER C 35 -27.81 10.85 11.54
C SER C 35 -26.89 11.61 10.66
N TYR C 36 -26.99 11.40 9.34
CA TYR C 36 -26.05 11.98 8.43
C TYR C 36 -26.60 13.30 8.01
N HIS C 37 -26.29 14.35 8.78
CA HIS C 37 -26.63 15.69 8.40
C HIS C 37 -25.77 16.04 7.24
N GLY C 38 -24.53 15.51 7.26
CA GLY C 38 -23.47 15.55 6.28
C GLY C 38 -23.65 16.67 5.30
N ASP C 39 -22.70 17.61 5.33
CA ASP C 39 -22.73 18.72 4.44
C ASP C 39 -22.62 18.20 3.04
N SER C 40 -21.63 17.33 2.77
CA SER C 40 -21.51 16.76 1.46
C SER C 40 -22.31 15.50 1.44
N ASP C 41 -22.56 14.94 0.23
CA ASP C 41 -23.12 13.64 0.11
C ASP C 41 -22.09 12.60 0.47
N LEU C 42 -20.83 12.84 0.04
CA LEU C 42 -19.87 11.78 -0.15
C LEU C 42 -19.61 11.09 1.14
N GLN C 43 -19.59 11.87 2.23
CA GLN C 43 -19.14 11.39 3.50
C GLN C 43 -20.01 10.23 3.86
N LEU C 44 -21.26 10.25 3.36
CA LEU C 44 -22.23 9.27 3.69
C LEU C 44 -21.73 7.90 3.32
N GLU C 45 -21.16 7.77 2.10
CA GLU C 45 -21.02 6.48 1.48
C GLU C 45 -20.11 5.55 2.26
N ARG C 46 -18.90 5.99 2.61
CA ARG C 46 -17.88 5.13 3.17
C ARG C 46 -18.17 4.77 4.59
N ILE C 47 -19.11 5.48 5.25
CA ILE C 47 -19.23 5.61 6.68
C ILE C 47 -19.20 4.24 7.29
N ASN C 48 -19.66 3.23 6.54
CA ASN C 48 -19.98 1.92 7.06
C ASN C 48 -18.83 1.41 7.85
N VAL C 49 -17.60 1.87 7.53
CA VAL C 49 -16.44 1.35 8.19
C VAL C 49 -16.63 1.49 9.67
N TYR C 50 -16.93 2.71 10.12
CA TYR C 50 -17.18 2.95 11.51
C TYR C 50 -18.49 2.40 11.99
N TYR C 51 -19.59 2.57 11.21
CA TYR C 51 -20.90 2.49 11.82
C TYR C 51 -21.73 1.42 11.20
N ASN C 52 -22.85 1.09 11.88
CA ASN C 52 -23.82 0.11 11.48
C ASN C 52 -25.12 0.84 11.29
N GLU C 53 -26.05 0.32 10.46
CA GLU C 53 -27.25 1.08 10.17
C GLU C 53 -28.41 0.45 10.87
N ALA C 54 -28.59 0.68 12.20
CA ALA C 54 -29.77 0.12 12.79
C ALA C 54 -31.03 0.82 12.35
N ALA C 55 -31.16 2.12 12.74
CA ALA C 55 -32.39 2.85 12.58
C ALA C 55 -32.63 3.23 11.16
N GLY C 56 -31.57 3.77 10.54
CA GLY C 56 -31.69 4.55 9.35
C GLY C 56 -31.42 5.98 9.73
N ASN C 57 -32.06 6.49 10.81
CA ASN C 57 -31.57 7.71 11.38
C ASN C 57 -30.28 7.38 12.06
N LYS C 58 -30.27 6.22 12.74
CA LYS C 58 -29.26 5.96 13.70
C LYS C 58 -28.13 5.25 13.03
N TYR C 59 -26.96 5.91 13.01
CA TYR C 59 -25.74 5.24 12.67
C TYR C 59 -24.94 5.28 13.94
N VAL C 60 -24.69 4.11 14.53
CA VAL C 60 -24.02 4.13 15.80
C VAL C 60 -22.67 3.53 15.61
N PRO C 61 -21.72 4.18 16.20
CA PRO C 61 -20.34 3.87 15.93
C PRO C 61 -20.10 2.47 16.40
N ARG C 62 -19.31 1.70 15.63
CA ARG C 62 -19.12 0.33 16.01
C ARG C 62 -17.77 0.27 16.65
N ALA C 63 -17.76 0.12 17.99
CA ALA C 63 -16.53 0.00 18.71
C ALA C 63 -16.90 -0.32 20.12
N ILE C 64 -15.91 -0.72 20.94
CA ILE C 64 -16.26 -1.20 22.24
C ILE C 64 -15.53 -0.38 23.26
N LEU C 65 -16.17 -0.21 24.44
CA LEU C 65 -15.55 0.52 25.50
C LEU C 65 -15.21 -0.47 26.56
N VAL C 66 -13.93 -0.50 26.97
CA VAL C 66 -13.50 -1.46 27.95
C VAL C 66 -12.92 -0.69 29.09
N ASP C 67 -13.47 -0.86 30.31
CA ASP C 67 -12.89 -0.13 31.39
C ASP C 67 -13.40 -0.70 32.68
N LEU C 68 -12.47 -0.99 33.61
CA LEU C 68 -12.84 -1.39 34.94
C LEU C 68 -13.47 -0.22 35.62
N GLU C 69 -13.01 1.00 35.32
CA GLU C 69 -13.48 2.15 36.05
C GLU C 69 -14.82 2.54 35.51
N PRO C 70 -15.81 2.42 36.34
CA PRO C 70 -17.14 2.89 36.06
C PRO C 70 -17.14 4.37 35.89
N GLY C 71 -16.28 5.10 36.64
CA GLY C 71 -16.40 6.52 36.65
C GLY C 71 -16.09 7.04 35.29
N THR C 72 -15.00 6.52 34.69
CA THR C 72 -14.51 7.08 33.47
C THR C 72 -15.56 6.87 32.43
N MET C 73 -16.10 5.65 32.34
CA MET C 73 -17.04 5.33 31.31
C MET C 73 -18.25 6.16 31.50
N ASP C 74 -18.70 6.29 32.76
CA ASP C 74 -19.96 6.93 33.02
C ASP C 74 -19.87 8.35 32.59
N SER C 75 -18.71 9.00 32.83
CA SER C 75 -18.61 10.38 32.46
C SER C 75 -18.79 10.44 30.99
N VAL C 76 -18.17 9.51 30.25
CA VAL C 76 -18.23 9.56 28.82
C VAL C 76 -19.65 9.44 28.40
N ARG C 77 -20.40 8.49 29.00
CA ARG C 77 -21.78 8.37 28.59
C ARG C 77 -22.48 9.64 28.95
N SER C 78 -22.23 10.13 30.18
CA SER C 78 -22.96 11.25 30.70
C SER C 78 -22.56 12.49 29.97
N GLY C 79 -21.48 12.40 29.17
CA GLY C 79 -20.90 13.54 28.52
C GLY C 79 -21.65 13.78 27.26
N PRO C 80 -21.14 14.72 26.49
CA PRO C 80 -21.78 15.16 25.29
C PRO C 80 -22.13 14.07 24.34
N PHE C 81 -21.14 13.45 23.66
CA PHE C 81 -21.55 12.61 22.59
C PHE C 81 -22.28 11.44 23.16
N GLY C 82 -21.58 10.60 23.95
CA GLY C 82 -21.99 10.12 25.23
C GLY C 82 -23.04 9.07 25.06
N GLN C 83 -24.24 9.57 24.75
CA GLN C 83 -25.47 8.85 24.62
C GLN C 83 -25.42 8.03 23.37
N ILE C 84 -24.61 8.48 22.40
CA ILE C 84 -24.61 7.92 21.08
C ILE C 84 -24.30 6.46 21.18
N PHE C 85 -23.33 6.07 22.03
CA PHE C 85 -22.89 4.70 22.06
C PHE C 85 -24.04 3.82 22.41
N ARG C 86 -24.04 2.59 21.85
CA ARG C 86 -24.98 1.59 22.27
C ARG C 86 -24.52 1.09 23.60
N PRO C 87 -25.45 0.92 24.49
CA PRO C 87 -25.17 0.59 25.86
C PRO C 87 -24.50 -0.74 25.92
N ASP C 88 -24.74 -1.59 24.90
CA ASP C 88 -24.23 -2.94 24.88
C ASP C 88 -22.76 -2.78 24.82
N ASN C 89 -22.33 -1.72 24.10
CA ASN C 89 -20.95 -1.56 23.74
C ASN C 89 -20.17 -1.55 25.00
N PHE C 90 -20.64 -0.84 26.04
CA PHE C 90 -19.84 -0.73 27.21
C PHE C 90 -19.65 -2.10 27.74
N VAL C 91 -18.38 -2.50 27.92
CA VAL C 91 -18.11 -3.67 28.69
C VAL C 91 -17.39 -3.16 29.89
N PHE C 92 -17.98 -3.40 31.07
CA PHE C 92 -17.50 -2.76 32.26
C PHE C 92 -17.31 -3.81 33.29
N GLY C 93 -16.63 -3.45 34.39
CA GLY C 93 -16.61 -4.30 35.54
C GLY C 93 -16.44 -3.37 36.68
N GLN C 94 -17.30 -3.48 37.71
CA GLN C 94 -17.30 -2.55 38.80
C GLN C 94 -16.00 -2.68 39.55
N SER C 95 -15.39 -3.89 39.48
CA SER C 95 -14.27 -4.28 40.29
C SER C 95 -13.24 -3.21 40.26
N GLY C 96 -12.38 -3.20 41.29
CA GLY C 96 -11.48 -2.10 41.46
C GLY C 96 -10.62 -2.04 40.24
N ALA C 97 -10.39 -0.81 39.74
CA ALA C 97 -9.74 -0.66 38.48
C ALA C 97 -8.39 -1.27 38.61
N GLY C 98 -7.66 -0.90 39.67
CA GLY C 98 -6.38 -1.48 39.91
C GLY C 98 -5.42 -0.77 39.02
N ASN C 99 -4.39 -0.14 39.60
CA ASN C 99 -3.40 0.49 38.79
C ASN C 99 -2.68 -0.59 38.05
N ASN C 100 -2.56 -1.76 38.70
CA ASN C 100 -1.68 -2.81 38.28
C ASN C 100 -2.00 -3.16 36.87
N TRP C 101 -0.93 -3.30 36.05
CA TRP C 101 -1.01 -3.94 34.78
C TRP C 101 -1.42 -5.33 35.10
N ALA C 102 -0.80 -5.88 36.16
CA ALA C 102 -1.03 -7.23 36.56
C ALA C 102 -2.47 -7.37 36.88
N LYS C 103 -3.03 -6.38 37.62
CA LYS C 103 -4.40 -6.52 38.00
C LYS C 103 -5.20 -6.57 36.74
N GLY C 104 -4.94 -5.64 35.81
CA GLY C 104 -5.77 -5.57 34.66
C GLY C 104 -5.62 -6.82 33.87
N HIS C 105 -4.37 -7.24 33.58
CA HIS C 105 -4.26 -8.34 32.69
C HIS C 105 -4.85 -9.55 33.35
N TYR C 106 -4.14 -10.07 34.36
CA TYR C 106 -4.47 -11.40 34.80
C TYR C 106 -5.71 -11.42 35.66
N THR C 107 -5.64 -10.76 36.83
CA THR C 107 -6.63 -11.09 37.81
C THR C 107 -7.96 -10.51 37.47
N GLU C 108 -8.03 -9.17 37.45
CA GLU C 108 -9.29 -8.50 37.32
C GLU C 108 -9.77 -8.62 35.92
N GLY C 109 -8.86 -8.40 34.96
CA GLY C 109 -9.23 -8.25 33.59
C GLY C 109 -9.81 -9.52 33.10
N ALA C 110 -9.24 -10.65 33.54
CA ALA C 110 -9.41 -11.88 32.84
C ALA C 110 -10.87 -12.22 32.77
N GLU C 111 -11.60 -12.02 33.89
CA GLU C 111 -12.96 -12.47 33.92
C GLU C 111 -13.73 -11.74 32.87
N LEU C 112 -13.51 -10.41 32.78
CA LEU C 112 -14.31 -9.58 31.94
C LEU C 112 -14.11 -9.97 30.50
N VAL C 113 -12.87 -10.38 30.16
CA VAL C 113 -12.42 -10.33 28.80
C VAL C 113 -13.34 -11.11 27.92
N ASP C 114 -13.77 -12.32 28.36
CA ASP C 114 -14.58 -13.13 27.52
C ASP C 114 -15.81 -12.35 27.22
N SER C 115 -16.35 -11.68 28.25
CA SER C 115 -17.55 -10.91 28.08
C SER C 115 -17.25 -9.90 27.03
N VAL C 116 -16.02 -9.34 27.09
CA VAL C 116 -15.63 -8.31 26.15
C VAL C 116 -15.66 -8.90 24.78
N LEU C 117 -15.09 -10.10 24.64
CA LEU C 117 -14.85 -10.70 23.36
C LEU C 117 -16.17 -10.95 22.71
N ASP C 118 -17.21 -11.18 23.52
CA ASP C 118 -18.50 -11.51 22.99
C ASP C 118 -18.90 -10.43 22.04
N VAL C 119 -18.85 -9.16 22.51
CA VAL C 119 -19.32 -8.06 21.73
C VAL C 119 -18.42 -7.83 20.55
N VAL C 120 -17.11 -8.02 20.73
CA VAL C 120 -16.18 -7.68 19.68
C VAL C 120 -16.56 -8.49 18.49
N ARG C 121 -16.92 -9.76 18.73
CA ARG C 121 -17.31 -10.64 17.67
C ARG C 121 -18.60 -10.14 17.08
N LYS C 122 -19.54 -9.70 17.93
CA LYS C 122 -20.82 -9.32 17.41
C LYS C 122 -20.63 -8.16 16.47
N GLU C 123 -19.79 -7.19 16.84
CA GLU C 123 -19.51 -6.09 15.97
C GLU C 123 -18.78 -6.62 14.77
N SER C 124 -17.85 -7.57 14.98
CA SER C 124 -17.00 -8.08 13.94
C SER C 124 -17.87 -8.71 12.89
N GLU C 125 -18.83 -9.53 13.35
CA GLU C 125 -19.65 -10.39 12.56
C GLU C 125 -20.55 -9.56 11.70
N SER C 126 -20.73 -8.28 12.07
CA SER C 126 -21.84 -7.46 11.67
C SER C 126 -22.08 -7.59 10.20
N CYS C 127 -21.18 -7.09 9.34
CA CYS C 127 -21.45 -7.24 7.94
C CYS C 127 -20.19 -6.99 7.18
N ASP C 128 -20.33 -6.98 5.83
CA ASP C 128 -19.28 -6.78 4.87
C ASP C 128 -18.01 -7.37 5.35
N CYS C 129 -16.87 -6.80 4.90
CA CYS C 129 -15.60 -7.39 5.18
C CYS C 129 -14.95 -6.61 6.26
N LEU C 130 -14.03 -7.25 7.01
CA LEU C 130 -13.45 -6.62 8.17
C LEU C 130 -12.05 -6.23 7.85
N GLN C 131 -11.76 -4.90 7.88
CA GLN C 131 -10.40 -4.42 7.75
C GLN C 131 -9.64 -4.82 8.97
N GLY C 132 -10.19 -4.57 10.18
CA GLY C 132 -9.40 -4.78 11.35
C GLY C 132 -9.89 -3.87 12.43
N PHE C 133 -9.11 -3.76 13.53
CA PHE C 133 -9.58 -3.04 14.69
C PHE C 133 -8.64 -1.92 14.98
N GLN C 134 -9.13 -0.89 15.70
CA GLN C 134 -8.30 0.19 16.14
C GLN C 134 -8.19 0.06 17.62
N LEU C 135 -7.12 0.66 18.22
CA LEU C 135 -6.97 0.55 19.64
C LEU C 135 -6.48 1.86 20.17
N THR C 136 -7.00 2.29 21.34
CA THR C 136 -6.38 3.37 22.05
C THR C 136 -6.23 2.92 23.47
N HIS C 137 -5.18 3.41 24.15
CA HIS C 137 -5.02 3.07 25.52
C HIS C 137 -3.73 3.66 25.98
N SER C 138 -3.40 3.49 27.27
CA SER C 138 -2.14 3.96 27.73
C SER C 138 -1.37 2.76 28.22
N LEU C 139 -0.05 2.78 27.97
CA LEU C 139 0.85 1.80 28.48
C LEU C 139 0.92 1.99 29.97
N GLY C 140 0.68 3.24 30.40
CA GLY C 140 -0.61 3.54 30.95
C GLY C 140 -0.79 2.83 32.24
N GLY C 141 -1.90 2.05 32.37
CA GLY C 141 -2.33 1.58 33.65
C GLY C 141 -2.90 0.20 33.52
N GLY C 142 -3.57 -0.27 34.58
CA GLY C 142 -4.03 -1.62 34.60
C GLY C 142 -5.04 -1.85 33.52
N THR C 143 -6.08 -0.97 33.43
CA THR C 143 -7.04 -1.13 32.35
C THR C 143 -6.51 -0.77 30.97
N GLY C 144 -5.50 0.13 30.90
CA GLY C 144 -5.09 0.79 29.68
C GLY C 144 -4.29 -0.17 28.91
N SER C 145 -3.38 -0.81 29.66
CA SER C 145 -2.52 -1.87 29.23
C SER C 145 -3.22 -3.03 29.83
N GLY C 146 -2.48 -4.10 30.20
CA GLY C 146 -3.14 -5.10 30.99
C GLY C 146 -4.24 -5.68 30.16
N MET C 147 -5.49 -5.29 30.48
CA MET C 147 -6.62 -5.83 29.79
C MET C 147 -6.49 -5.49 28.34
N GLY C 148 -6.20 -4.22 28.01
CA GLY C 148 -6.25 -3.80 26.63
C GLY C 148 -5.25 -4.60 25.86
N THR C 149 -4.03 -4.76 26.44
CA THR C 149 -2.95 -5.45 25.81
C THR C 149 -3.37 -6.88 25.63
N LEU C 150 -4.10 -7.44 26.62
CA LEU C 150 -4.60 -8.78 26.55
C LEU C 150 -5.62 -8.87 25.45
N LEU C 151 -6.49 -7.85 25.33
CA LEU C 151 -7.66 -7.94 24.50
C LEU C 151 -7.18 -8.17 23.10
N ILE C 152 -6.10 -7.46 22.71
CA ILE C 152 -5.60 -7.56 21.38
C ILE C 152 -5.23 -8.99 21.15
N SER C 153 -4.68 -9.66 22.19
CA SER C 153 -4.16 -10.99 22.05
C SER C 153 -5.22 -11.88 21.48
N LYS C 154 -6.42 -11.89 22.06
CA LYS C 154 -7.46 -12.73 21.55
C LYS C 154 -7.77 -12.31 20.15
N ILE C 155 -7.73 -10.99 19.88
CA ILE C 155 -8.05 -10.49 18.56
C ILE C 155 -7.05 -11.07 17.61
N ARG C 156 -5.77 -11.12 18.02
CA ARG C 156 -4.78 -11.61 17.12
C ARG C 156 -5.13 -13.01 16.76
N GLU C 157 -5.51 -13.81 17.77
CA GLU C 157 -5.80 -15.18 17.48
C GLU C 157 -6.98 -15.29 16.58
N GLU C 158 -8.09 -14.60 16.93
CA GLU C 158 -9.32 -14.93 16.28
C GLU C 158 -9.20 -14.61 14.83
N TYR C 159 -8.81 -13.36 14.48
CA TYR C 159 -8.66 -13.07 13.08
C TYR C 159 -7.27 -12.58 12.87
N PRO C 160 -6.37 -13.47 12.55
CA PRO C 160 -5.00 -13.10 12.31
C PRO C 160 -4.86 -12.23 11.10
N ASP C 161 -5.67 -12.46 10.05
CA ASP C 161 -5.43 -11.80 8.80
C ASP C 161 -5.65 -10.34 9.00
N ARG C 162 -6.75 -9.99 9.69
CA ARG C 162 -7.17 -8.63 9.71
C ARG C 162 -6.26 -7.87 10.62
N ILE C 163 -6.20 -6.54 10.41
CA ILE C 163 -5.11 -5.74 10.87
C ILE C 163 -5.51 -5.00 12.10
N MET C 164 -4.54 -4.83 13.01
CA MET C 164 -4.78 -3.96 14.13
C MET C 164 -3.79 -2.83 14.03
N ASN C 165 -4.30 -1.60 14.22
CA ASN C 165 -3.45 -0.47 14.43
C ASN C 165 -3.59 -0.15 15.87
N THR C 166 -2.55 0.45 16.47
CA THR C 166 -2.61 0.71 17.88
C THR C 166 -2.35 2.16 18.05
N PHE C 167 -2.89 2.76 19.11
CA PHE C 167 -2.40 4.04 19.54
C PHE C 167 -2.04 3.84 20.98
N SER C 168 -0.80 4.17 21.36
CA SER C 168 -0.48 4.04 22.75
C SER C 168 0.05 5.35 23.19
N VAL C 169 -0.34 5.78 24.40
CA VAL C 169 0.29 6.96 24.90
C VAL C 169 1.47 6.46 25.65
N VAL C 170 2.67 6.60 25.02
CA VAL C 170 3.87 6.09 25.62
C VAL C 170 4.21 7.03 26.71
N PRO C 171 4.79 6.53 27.76
CA PRO C 171 4.87 7.27 28.98
C PRO C 171 5.66 8.51 28.72
N SER C 172 5.20 9.66 29.24
CA SER C 172 5.85 10.90 28.95
C SER C 172 7.12 10.95 29.74
N PRO C 173 8.17 11.28 29.06
CA PRO C 173 9.47 11.25 29.63
C PRO C 173 9.62 12.09 30.87
N LYS C 174 9.33 13.40 30.79
CA LYS C 174 9.92 14.28 31.76
C LYS C 174 9.42 13.96 33.13
N VAL C 175 8.09 13.96 33.32
CA VAL C 175 7.57 13.55 34.60
C VAL C 175 6.44 12.64 34.31
N SER C 176 6.48 11.43 34.91
CA SER C 176 5.54 10.43 34.53
C SER C 176 4.32 10.66 35.34
N ASP C 177 3.18 10.58 34.65
CA ASP C 177 1.90 10.79 35.29
C ASP C 177 1.46 9.62 36.14
N THR C 178 2.32 8.59 36.17
CA THR C 178 2.09 7.45 37.02
C THR C 178 3.43 7.07 37.61
N VAL C 179 3.44 6.65 38.89
CA VAL C 179 4.64 6.23 39.56
C VAL C 179 5.13 4.96 38.92
N VAL C 180 4.17 4.06 38.60
CA VAL C 180 4.39 2.70 38.25
C VAL C 180 5.06 2.62 36.92
N GLU C 181 5.20 3.77 36.24
CA GLU C 181 5.20 3.91 34.81
C GLU C 181 6.04 2.86 34.16
N PRO C 182 7.24 2.53 34.58
CA PRO C 182 8.01 1.53 33.89
C PRO C 182 7.27 0.23 33.80
N TYR C 183 6.62 -0.20 34.89
CA TYR C 183 6.14 -1.55 34.95
C TYR C 183 5.05 -1.75 33.95
N ASN C 184 4.05 -0.86 33.96
CA ASN C 184 2.89 -1.11 33.17
C ASN C 184 3.31 -1.06 31.73
N ALA C 185 4.09 -0.02 31.40
CA ALA C 185 4.39 0.27 30.02
C ALA C 185 5.16 -0.85 29.41
N THR C 186 6.20 -1.34 30.12
CA THR C 186 7.11 -2.25 29.48
C THR C 186 6.37 -3.49 29.10
N LEU C 187 5.59 -4.05 30.04
CA LEU C 187 4.97 -5.31 29.78
C LEU C 187 4.01 -5.15 28.65
N SER C 188 3.27 -4.04 28.64
CA SER C 188 2.21 -3.86 27.68
C SER C 188 2.77 -3.82 26.29
N VAL C 189 3.85 -3.05 26.08
CA VAL C 189 4.40 -2.90 24.76
C VAL C 189 4.85 -4.26 24.31
N HIS C 190 5.23 -5.08 25.30
CA HIS C 190 5.76 -6.39 25.05
C HIS C 190 4.74 -7.11 24.23
N GLN C 191 3.45 -7.00 24.62
CA GLN C 191 2.43 -7.69 23.91
C GLN C 191 2.29 -7.15 22.52
N LEU C 192 2.27 -5.82 22.36
CA LEU C 192 1.94 -5.22 21.10
C LEU C 192 2.92 -5.70 20.10
N VAL C 193 4.20 -5.73 20.48
CA VAL C 193 5.26 -5.83 19.52
C VAL C 193 5.03 -7.11 18.78
N GLU C 194 4.69 -8.18 19.51
CA GLU C 194 4.25 -9.31 18.77
C GLU C 194 2.91 -9.02 18.14
N ASN C 195 1.92 -8.55 18.95
CA ASN C 195 0.54 -8.61 18.56
C ASN C 195 0.21 -7.69 17.42
N THR C 196 0.28 -6.35 17.63
CA THR C 196 -0.48 -5.53 16.72
C THR C 196 0.40 -5.19 15.57
N ASP C 197 -0.11 -5.34 14.33
CA ASP C 197 0.75 -5.17 13.20
C ASP C 197 1.11 -3.72 13.00
N GLU C 198 0.22 -2.77 13.33
CA GLU C 198 0.65 -1.40 13.19
C GLU C 198 0.39 -0.69 14.47
N THR C 199 1.40 0.07 14.97
CA THR C 199 1.17 0.77 16.18
C THR C 199 1.51 2.20 15.95
N TYR C 200 0.83 3.10 16.70
CA TYR C 200 1.08 4.51 16.67
C TYR C 200 1.30 4.89 18.09
N CYS C 201 2.29 5.76 18.34
CA CYS C 201 2.46 6.17 19.70
C CYS C 201 2.15 7.63 19.79
N ILE C 202 1.56 8.04 20.93
CA ILE C 202 1.42 9.45 21.20
C ILE C 202 1.99 9.69 22.55
N ASP C 203 2.62 10.87 22.73
CA ASP C 203 3.10 11.19 24.05
C ASP C 203 2.49 12.50 24.44
N ASN C 204 2.03 12.57 25.70
CA ASN C 204 1.37 13.70 26.31
C ASN C 204 2.22 14.97 26.35
N GLU C 205 3.49 14.85 26.71
CA GLU C 205 4.26 16.03 26.91
C GLU C 205 4.53 16.55 25.56
N ALA C 206 4.76 15.60 24.64
CA ALA C 206 5.06 15.95 23.28
C ALA C 206 3.89 16.72 22.80
N LEU C 207 2.67 16.27 23.18
CA LEU C 207 1.49 16.98 22.80
C LEU C 207 1.58 18.34 23.39
N TYR C 208 2.00 18.43 24.66
CA TYR C 208 2.01 19.70 25.33
C TYR C 208 2.91 20.58 24.53
N ASP C 209 4.09 20.05 24.18
CA ASP C 209 5.12 20.82 23.58
C ASP C 209 4.58 21.34 22.29
N ILE C 210 3.98 20.45 21.48
CA ILE C 210 3.49 20.84 20.19
C ILE C 210 2.38 21.81 20.38
N CYS C 211 1.44 21.50 21.29
CA CYS C 211 0.30 22.35 21.42
C CYS C 211 0.79 23.70 21.82
N PHE C 212 1.64 23.73 22.85
CA PHE C 212 2.07 24.93 23.49
C PHE C 212 2.91 25.78 22.57
N ARG C 213 3.95 25.22 21.92
CA ARG C 213 4.66 26.04 20.97
C ARG C 213 3.80 26.27 19.77
N THR C 214 3.40 25.15 19.13
CA THR C 214 3.00 25.18 17.76
C THR C 214 1.74 25.96 17.69
N LEU C 215 0.83 25.67 18.63
CA LEU C 215 -0.32 26.49 18.77
C LEU C 215 -0.02 27.47 19.84
N LYS C 216 -0.63 28.65 19.77
CA LYS C 216 -0.35 29.74 20.66
C LYS C 216 -0.74 29.29 22.03
N LEU C 217 -1.61 28.27 22.07
CA LEU C 217 -2.40 27.84 23.20
C LEU C 217 -1.63 27.92 24.46
N THR C 218 -2.07 28.83 25.36
CA THR C 218 -1.50 28.96 26.68
C THR C 218 -1.88 27.78 27.53
N THR C 219 -3.19 27.43 27.57
CA THR C 219 -3.59 26.40 28.50
C THR C 219 -4.04 25.22 27.72
N PRO C 220 -3.15 24.29 27.55
CA PRO C 220 -3.47 22.99 27.06
C PRO C 220 -4.34 22.33 28.08
N THR C 221 -5.45 21.72 27.63
CA THR C 221 -6.23 20.88 28.49
C THR C 221 -6.05 19.51 27.94
N TYR C 222 -6.42 18.48 28.71
CA TYR C 222 -6.30 17.15 28.13
C TYR C 222 -7.18 17.09 26.89
N GLY C 223 -8.43 17.65 26.97
CA GLY C 223 -9.35 17.57 25.86
C GLY C 223 -8.66 18.10 24.63
N ASP C 224 -7.74 19.06 24.79
CA ASP C 224 -6.98 19.51 23.65
C ASP C 224 -6.10 18.42 23.09
N LEU C 225 -5.25 17.76 23.92
CA LEU C 225 -4.24 16.87 23.43
C LEU C 225 -4.92 15.73 22.76
N ASN C 226 -5.92 15.21 23.45
CA ASN C 226 -6.76 14.15 22.92
C ASN C 226 -7.27 14.57 21.54
N HIS C 227 -7.85 15.79 21.44
CA HIS C 227 -8.38 16.33 20.20
C HIS C 227 -7.34 16.34 19.07
N LEU C 228 -6.10 16.80 19.36
CA LEU C 228 -5.10 16.86 18.34
C LEU C 228 -4.76 15.47 17.92
N VAL C 229 -4.69 14.55 18.90
CA VAL C 229 -4.32 13.20 18.60
C VAL C 229 -5.37 12.66 17.69
N SER C 230 -6.65 12.95 17.98
CA SER C 230 -7.70 12.34 17.23
C SER C 230 -7.53 12.77 15.81
N ALA C 231 -6.85 13.90 15.61
CA ALA C 231 -6.69 14.48 14.31
C ALA C 231 -5.91 13.55 13.42
N THR C 232 -4.80 12.97 13.91
CA THR C 232 -3.99 12.21 13.00
C THR C 232 -4.72 10.99 12.55
N MET C 233 -5.29 10.24 13.52
CA MET C 233 -5.76 8.92 13.21
C MET C 233 -6.85 9.09 12.22
N SER C 234 -7.61 10.18 12.36
CA SER C 234 -8.73 10.38 11.41
C SER C 234 -8.16 10.50 9.99
N GLY C 235 -7.01 11.16 9.86
CA GLY C 235 -6.49 11.28 8.54
C GLY C 235 -6.22 9.90 8.09
N VAL C 236 -5.65 9.08 8.99
CA VAL C 236 -5.25 7.77 8.60
C VAL C 236 -6.46 7.00 8.16
N THR C 237 -7.38 6.70 9.10
CA THR C 237 -8.41 5.75 8.78
C THR C 237 -9.43 6.28 7.82
N THR C 238 -10.15 7.34 8.23
CA THR C 238 -11.34 7.69 7.51
C THR C 238 -10.98 8.24 6.17
N CYS C 239 -9.87 8.99 6.09
CA CYS C 239 -9.56 9.77 4.93
C CYS C 239 -9.47 8.87 3.73
N LEU C 240 -8.70 7.77 3.84
CA LEU C 240 -8.42 6.92 2.72
C LEU C 240 -9.66 6.24 2.28
N ARG C 241 -10.61 6.04 3.22
CA ARG C 241 -11.89 5.50 2.86
C ARG C 241 -12.50 6.44 1.88
N PHE C 242 -12.23 7.75 2.03
CA PHE C 242 -12.60 8.74 1.05
C PHE C 242 -11.76 8.50 -0.17
N PRO C 243 -12.26 8.95 -1.29
CA PRO C 243 -11.64 8.76 -2.58
C PRO C 243 -10.34 9.50 -2.62
N GLY C 244 -9.42 9.10 -3.51
CA GLY C 244 -8.21 9.85 -3.69
C GLY C 244 -7.61 9.43 -5.00
N GLN C 245 -6.84 10.34 -5.63
CA GLN C 245 -6.25 10.03 -6.90
C GLN C 245 -5.30 8.90 -6.67
N LEU C 246 -4.44 9.03 -5.65
CA LEU C 246 -3.65 7.90 -5.22
C LEU C 246 -4.02 7.55 -3.79
N ASN C 247 -5.00 6.66 -3.55
CA ASN C 247 -5.27 6.51 -2.16
C ASN C 247 -4.82 5.16 -1.73
N ALA C 248 -4.08 5.15 -0.60
CA ALA C 248 -3.68 3.95 0.07
C ALA C 248 -4.83 3.53 0.91
N ASP C 249 -4.76 2.34 1.51
CA ASP C 249 -5.56 2.09 2.67
C ASP C 249 -4.68 1.49 3.71
N LEU C 250 -5.31 0.88 4.74
CA LEU C 250 -4.55 0.45 5.88
C LEU C 250 -3.51 -0.51 5.42
N ARG C 251 -3.89 -1.46 4.55
CA ARG C 251 -2.98 -2.50 4.20
C ARG C 251 -1.80 -1.94 3.46
N LYS C 252 -2.00 -0.89 2.63
CA LYS C 252 -0.97 -0.13 1.91
C LYS C 252 -0.09 0.46 2.99
N LEU C 253 -0.72 1.09 4.00
CA LEU C 253 0.04 1.62 5.08
C LEU C 253 0.84 0.51 5.71
N ALA C 254 0.23 -0.67 5.92
CA ALA C 254 0.99 -1.73 6.52
C ALA C 254 2.11 -2.14 5.61
N VAL C 255 1.79 -2.43 4.33
CA VAL C 255 2.70 -3.10 3.46
C VAL C 255 3.89 -2.22 3.23
N ASN C 256 3.63 -0.99 2.77
CA ASN C 256 4.70 -0.13 2.36
C ASN C 256 5.49 0.23 3.57
N MET C 257 4.78 0.57 4.66
CA MET C 257 5.43 1.13 5.81
C MET C 257 6.33 0.13 6.48
N VAL C 258 5.91 -1.15 6.62
CA VAL C 258 6.63 -1.96 7.55
C VAL C 258 7.54 -2.91 6.83
N PRO C 259 8.82 -2.64 6.95
CA PRO C 259 9.86 -3.53 6.51
C PRO C 259 9.84 -4.85 7.21
N PHE C 260 9.73 -4.85 8.55
CA PHE C 260 10.03 -6.06 9.26
C PHE C 260 8.94 -6.31 10.26
N PRO C 261 8.88 -7.55 10.66
CA PRO C 261 7.68 -8.12 11.22
C PRO C 261 7.28 -7.50 12.52
N ARG C 262 8.17 -6.69 13.12
CA ARG C 262 7.98 -6.26 14.47
C ARG C 262 6.68 -5.53 14.53
N LEU C 263 6.27 -4.94 13.38
CA LEU C 263 5.11 -4.09 13.24
C LEU C 263 5.53 -2.70 13.59
N HIS C 264 6.60 -2.58 14.39
CA HIS C 264 7.22 -1.29 14.55
C HIS C 264 6.22 -0.30 15.08
N PHE C 265 6.69 0.95 15.29
CA PHE C 265 5.82 1.97 15.80
C PHE C 265 6.07 3.20 15.00
N PHE C 266 5.05 4.07 14.88
CA PHE C 266 5.15 5.23 14.04
C PHE C 266 4.81 6.41 14.88
N MET C 267 5.03 7.63 14.32
CA MET C 267 4.58 8.80 15.00
C MET C 267 3.75 9.60 14.06
N PRO C 268 2.55 9.88 14.47
CA PRO C 268 1.62 10.64 13.70
C PRO C 268 2.12 12.05 13.63
N GLY C 269 1.75 12.81 12.58
CA GLY C 269 2.05 14.21 12.57
C GLY C 269 1.08 14.85 11.63
N PHE C 270 0.41 15.92 12.10
CA PHE C 270 -0.65 16.53 11.30
C PHE C 270 -0.05 17.66 10.46
N ALA C 271 -0.63 17.86 9.24
CA ALA C 271 -0.02 18.82 8.38
C ALA C 271 -0.30 20.21 8.84
N PRO C 272 -1.57 20.59 8.96
CA PRO C 272 -1.88 21.92 9.38
C PRO C 272 -1.70 21.97 10.84
N LEU C 273 -0.91 22.92 11.35
CA LEU C 273 -0.99 23.19 12.74
C LEU C 273 -0.70 24.64 12.87
N THR C 274 -1.69 25.50 12.58
CA THR C 274 -1.49 26.92 12.81
C THR C 274 -2.48 27.46 13.86
N SER C 275 -2.03 28.49 14.60
CA SER C 275 -2.78 29.17 15.63
C SER C 275 -3.93 29.86 14.97
N ARG C 276 -4.86 30.40 15.79
CA ARG C 276 -6.26 30.33 15.48
C ARG C 276 -6.56 30.90 14.13
N GLY C 277 -6.39 32.21 13.87
CA GLY C 277 -5.98 33.27 14.75
C GLY C 277 -5.03 34.14 13.99
N SER C 278 -3.78 34.34 14.46
CA SER C 278 -2.88 35.08 13.62
C SER C 278 -2.36 34.16 12.58
N GLN C 279 -2.08 32.92 13.03
CA GLN C 279 -1.14 32.06 12.37
C GLN C 279 -1.64 31.72 11.02
N GLN C 280 -2.98 31.76 10.82
CA GLN C 280 -3.64 31.46 9.58
C GLN C 280 -2.98 32.23 8.46
N TYR C 281 -1.93 31.60 7.87
CA TYR C 281 -1.15 32.17 6.83
C TYR C 281 -1.84 32.01 5.51
N ARG C 282 -2.50 30.86 5.32
CA ARG C 282 -2.82 30.39 4.01
C ARG C 282 -1.55 30.02 3.31
N ALA C 283 -0.48 29.71 4.06
CA ALA C 283 0.59 29.04 3.37
C ALA C 283 0.42 27.59 3.67
N LEU C 284 -0.63 26.98 3.10
CA LEU C 284 -0.81 25.56 3.07
C LEU C 284 -0.04 24.93 1.95
N THR C 285 0.45 25.74 0.97
CA THR C 285 0.29 25.50 -0.44
C THR C 285 0.52 24.05 -0.74
N VAL C 286 1.72 23.57 -1.15
CA VAL C 286 2.23 22.33 -0.61
C VAL C 286 3.26 22.47 0.48
N PRO C 287 4.34 23.18 0.21
CA PRO C 287 5.59 22.83 0.84
C PRO C 287 5.55 23.07 2.30
N GLU C 288 4.69 24.01 2.69
CA GLU C 288 4.57 24.46 4.03
C GLU C 288 4.11 23.29 4.81
N LEU C 289 3.22 22.48 4.20
CA LEU C 289 2.76 21.29 4.85
C LEU C 289 3.94 20.40 5.07
N THR C 290 4.79 20.24 4.04
CA THR C 290 5.84 19.27 4.13
C THR C 290 6.74 19.69 5.25
N GLN C 291 7.01 21.00 5.33
CA GLN C 291 7.94 21.48 6.30
C GLN C 291 7.40 21.12 7.63
N GLN C 292 6.08 21.31 7.81
CA GLN C 292 5.51 21.22 9.12
C GLN C 292 5.71 19.84 9.66
N MET C 293 5.28 18.82 8.90
CA MET C 293 5.22 17.49 9.43
C MET C 293 6.61 17.00 9.67
N PHE C 294 7.50 17.24 8.69
CA PHE C 294 8.80 16.65 8.68
C PHE C 294 9.59 17.20 9.81
N ASP C 295 9.35 18.47 10.16
CA ASP C 295 10.20 19.16 11.08
C ASP C 295 10.23 18.38 12.36
N ALA C 296 11.30 18.62 13.16
CA ALA C 296 11.60 17.79 14.28
C ALA C 296 10.46 17.85 15.25
N LYS C 297 9.95 19.07 15.51
CA LYS C 297 8.85 19.19 16.41
C LYS C 297 7.61 18.91 15.64
N ASN C 298 6.45 19.04 16.31
CA ASN C 298 5.22 18.72 15.66
C ASN C 298 5.31 17.26 15.31
N MET C 299 6.09 16.52 16.12
CA MET C 299 6.09 15.09 16.03
C MET C 299 5.38 14.60 17.25
N MET C 300 4.32 13.79 17.07
CA MET C 300 3.42 13.54 18.15
C MET C 300 4.17 12.85 19.24
N ALA C 301 4.99 11.85 18.87
CA ALA C 301 5.70 11.11 19.85
C ALA C 301 6.87 11.93 20.31
N ALA C 302 7.52 11.49 21.40
CA ALA C 302 8.55 12.26 22.01
C ALA C 302 9.69 12.44 21.05
N CYS C 303 10.08 11.35 20.34
CA CYS C 303 11.38 11.37 19.75
C CYS C 303 11.42 12.26 18.55
N ASP C 304 12.64 12.72 18.23
CA ASP C 304 12.89 13.69 17.21
C ASP C 304 13.65 13.00 16.12
N PRO C 305 13.18 13.19 14.92
CA PRO C 305 13.64 12.44 13.78
C PRO C 305 15.07 12.75 13.50
N ARG C 306 15.59 13.83 14.11
CA ARG C 306 16.94 14.21 13.86
C ARG C 306 17.78 13.06 14.29
N HIS C 307 17.32 12.37 15.35
CA HIS C 307 18.19 11.56 16.15
C HIS C 307 18.78 10.39 15.42
N GLY C 308 18.08 9.66 14.51
CA GLY C 308 16.75 9.82 13.99
C GLY C 308 16.89 9.51 12.52
N ARG C 309 16.35 8.36 12.05
CA ARG C 309 16.38 7.97 10.65
C ARG C 309 15.03 7.35 10.39
N TYR C 310 14.57 7.30 9.12
CA TYR C 310 13.21 6.87 8.88
C TYR C 310 13.22 5.56 8.14
N LEU C 311 12.59 4.52 8.69
CA LEU C 311 12.41 3.35 7.90
C LEU C 311 11.44 3.63 6.79
N THR C 312 10.28 4.22 7.14
CA THR C 312 9.33 4.54 6.12
C THR C 312 8.64 5.81 6.52
N VAL C 313 8.07 6.51 5.52
CA VAL C 313 7.23 7.65 5.76
C VAL C 313 5.99 7.42 4.95
N ALA C 314 4.82 7.75 5.53
CA ALA C 314 3.67 7.75 4.69
C ALA C 314 2.97 9.04 4.95
N ALA C 315 2.66 9.78 3.87
CA ALA C 315 1.93 10.98 4.08
C ALA C 315 0.60 10.77 3.43
N VAL C 316 -0.49 10.80 4.20
CA VAL C 316 -1.75 10.76 3.52
C VAL C 316 -2.23 12.17 3.50
N PHE C 317 -2.01 12.85 2.36
CA PHE C 317 -2.57 14.15 2.24
C PHE C 317 -3.99 13.90 1.90
N ARG C 318 -4.91 14.68 2.50
CA ARG C 318 -6.24 14.74 1.98
C ARG C 318 -6.47 16.17 1.65
N GLY C 319 -6.83 16.41 0.38
CA GLY C 319 -7.04 17.72 -0.15
C GLY C 319 -6.71 17.59 -1.59
N ARG C 320 -7.12 18.59 -2.39
CA ARG C 320 -6.88 18.49 -3.79
C ARG C 320 -5.63 19.25 -4.09
N MET C 321 -4.56 18.51 -4.41
CA MET C 321 -3.29 19.13 -4.67
C MET C 321 -2.74 18.49 -5.89
N SER C 322 -1.63 19.06 -6.40
CA SER C 322 -1.02 18.53 -7.58
C SER C 322 -0.31 17.28 -7.21
N MET C 323 -0.44 16.25 -8.07
CA MET C 323 0.35 15.06 -7.94
C MET C 323 1.76 15.49 -8.18
N LYS C 324 1.94 16.41 -9.14
CA LYS C 324 3.25 16.82 -9.55
C LYS C 324 3.96 17.38 -8.37
N GLU C 325 3.35 18.37 -7.69
CA GLU C 325 4.08 19.03 -6.64
C GLU C 325 4.28 18.08 -5.52
N VAL C 326 3.25 17.31 -5.16
CA VAL C 326 3.35 16.51 -3.97
C VAL C 326 4.48 15.54 -4.16
N ASP C 327 4.46 14.80 -5.27
CA ASP C 327 5.45 13.79 -5.47
C ASP C 327 6.79 14.44 -5.57
N GLU C 328 6.87 15.52 -6.38
CA GLU C 328 8.14 16.10 -6.67
C GLU C 328 8.74 16.69 -5.43
N GLN C 329 7.89 17.32 -4.59
CA GLN C 329 8.40 18.08 -3.48
C GLN C 329 9.13 17.15 -2.58
N MET C 330 8.58 15.94 -2.42
CA MET C 330 9.04 15.00 -1.44
C MET C 330 10.46 14.69 -1.74
N LEU C 331 10.79 14.59 -3.04
CA LEU C 331 12.09 14.11 -3.42
C LEU C 331 13.11 15.03 -2.84
N ASN C 332 12.87 16.35 -2.95
CA ASN C 332 13.82 17.31 -2.49
C ASN C 332 13.99 17.10 -1.02
N VAL C 333 12.89 16.79 -0.33
CA VAL C 333 13.01 16.50 1.06
C VAL C 333 13.95 15.34 1.19
N GLN C 334 13.76 14.31 0.35
CA GLN C 334 14.54 13.12 0.48
C GLN C 334 15.98 13.46 0.26
N ASN C 335 16.27 14.20 -0.84
CA ASN C 335 17.64 14.46 -1.17
C ASN C 335 18.20 15.31 -0.08
N LYS C 336 17.39 16.29 0.36
CA LYS C 336 17.87 17.26 1.29
C LYS C 336 18.27 16.57 2.56
N ASN C 337 17.39 15.70 3.06
CA ASN C 337 17.78 14.93 4.20
C ASN C 337 18.06 13.52 3.73
N SER C 338 19.22 13.32 3.03
CA SER C 338 19.78 12.00 2.80
C SER C 338 20.32 11.37 4.09
N SER C 339 20.88 12.10 5.09
CA SER C 339 21.64 11.41 6.13
C SER C 339 20.74 10.45 6.85
N TYR C 340 19.67 11.02 7.43
CA TYR C 340 18.75 10.28 8.22
C TYR C 340 17.87 9.35 7.45
N PHE C 341 17.59 9.60 6.15
CA PHE C 341 16.46 8.93 5.56
C PHE C 341 16.62 7.44 5.64
N VAL C 342 17.77 6.91 5.18
CA VAL C 342 18.20 5.53 5.27
C VAL C 342 18.30 5.05 3.86
N GLU C 343 19.47 4.50 3.52
CA GLU C 343 19.79 4.33 2.14
C GLU C 343 19.06 3.20 1.49
N TRP C 344 18.88 2.06 2.20
CA TRP C 344 18.59 0.85 1.49
C TRP C 344 17.30 0.99 0.74
N ILE C 345 16.29 1.62 1.36
CA ILE C 345 15.00 1.56 0.75
C ILE C 345 14.85 2.77 -0.13
N PRO C 346 14.78 2.50 -1.41
CA PRO C 346 15.02 3.49 -2.41
C PRO C 346 14.08 4.65 -2.32
N ASN C 347 12.77 4.40 -2.13
CA ASN C 347 11.90 5.53 -2.04
C ASN C 347 11.26 5.46 -0.69
N ASN C 348 11.73 6.32 0.22
CA ASN C 348 11.32 6.20 1.58
C ASN C 348 9.86 6.53 1.70
N VAL C 349 9.43 7.63 1.05
CA VAL C 349 8.13 8.11 1.40
C VAL C 349 7.10 7.45 0.56
N LYS C 350 6.03 6.98 1.22
CA LYS C 350 4.86 6.48 0.60
C LYS C 350 3.91 7.64 0.60
N THR C 351 3.33 7.96 -0.56
CA THR C 351 2.55 9.15 -0.64
C THR C 351 1.13 8.75 -0.85
N ALA C 352 0.21 9.31 -0.04
CA ALA C 352 -1.17 9.07 -0.29
C ALA C 352 -1.80 10.41 -0.53
N VAL C 353 -2.66 10.49 -1.56
CA VAL C 353 -3.39 11.69 -1.77
C VAL C 353 -4.84 11.36 -1.68
N CYS C 354 -5.61 12.24 -1.01
CA CYS C 354 -7.02 12.05 -0.87
C CYS C 354 -7.64 13.33 -1.35
N ASP C 355 -8.82 13.26 -1.99
CA ASP C 355 -9.37 14.45 -2.55
C ASP C 355 -9.81 15.39 -1.46
N ILE C 356 -10.45 14.87 -0.40
CA ILE C 356 -11.23 15.78 0.41
C ILE C 356 -10.62 15.94 1.76
N PRO C 357 -10.47 17.21 2.06
CA PRO C 357 -9.80 17.73 3.23
C PRO C 357 -10.63 17.54 4.46
N PRO C 358 -10.01 17.74 5.60
CA PRO C 358 -10.68 17.80 6.90
C PRO C 358 -11.79 18.84 6.83
N ARG C 359 -13.05 18.52 7.15
CA ARG C 359 -14.22 19.20 6.59
C ARG C 359 -14.11 20.71 6.66
N GLY C 360 -13.56 21.29 7.75
CA GLY C 360 -13.30 22.72 7.81
C GLY C 360 -12.25 23.24 6.83
N LEU C 361 -11.09 22.57 6.67
CA LEU C 361 -9.88 23.19 6.19
C LEU C 361 -9.49 22.68 4.82
N LYS C 362 -8.68 23.50 4.10
CA LYS C 362 -8.30 23.29 2.72
C LYS C 362 -7.40 22.12 2.49
N MET C 363 -6.20 22.08 3.10
CA MET C 363 -5.25 21.12 2.59
C MET C 363 -4.43 20.62 3.74
N SER C 364 -4.36 19.29 3.91
CA SER C 364 -3.64 18.76 5.04
C SER C 364 -3.20 17.38 4.70
N ALA C 365 -2.05 16.96 5.26
CA ALA C 365 -1.62 15.61 5.08
C ALA C 365 -1.41 15.03 6.43
N THR C 366 -1.79 13.76 6.62
CA THR C 366 -1.39 13.09 7.82
C THR C 366 -0.02 12.58 7.51
N PHE C 367 0.86 12.56 8.53
CA PHE C 367 2.17 12.04 8.31
C PHE C 367 2.32 10.93 9.29
N ILE C 368 2.72 9.74 8.79
CA ILE C 368 2.76 8.60 9.65
C ILE C 368 4.07 7.94 9.42
N GLY C 369 4.51 7.11 10.38
CA GLY C 369 5.44 6.15 9.89
C GLY C 369 6.68 6.13 10.71
N ASN C 370 7.72 5.56 10.07
CA ASN C 370 8.61 4.66 10.72
C ASN C 370 9.95 5.30 10.81
N SER C 371 10.54 5.32 12.02
CA SER C 371 11.86 5.85 12.13
C SER C 371 12.56 5.13 13.25
N THR C 372 13.91 5.15 13.18
CA THR C 372 14.80 4.52 14.11
C THR C 372 14.70 5.22 15.43
N ALA C 373 14.36 6.52 15.39
CA ALA C 373 14.47 7.40 16.53
C ALA C 373 13.68 6.84 17.66
N ILE C 374 12.54 6.19 17.36
CA ILE C 374 11.61 5.81 18.38
C ILE C 374 12.31 4.95 19.37
N GLN C 375 13.35 4.21 18.93
CA GLN C 375 14.05 3.29 19.78
C GLN C 375 14.50 4.04 20.99
N GLU C 376 14.89 5.32 20.82
CA GLU C 376 15.37 6.09 21.94
C GLU C 376 14.30 6.07 22.98
N LEU C 377 13.03 6.20 22.54
CA LEU C 377 11.92 6.32 23.42
C LEU C 377 11.86 5.09 24.28
N PHE C 378 12.02 3.92 23.65
CA PHE C 378 11.79 2.65 24.30
C PHE C 378 12.78 2.49 25.40
N LYS C 379 14.02 2.97 25.21
CA LYS C 379 15.04 2.81 26.20
C LYS C 379 14.53 3.43 27.46
N ARG C 380 13.78 4.53 27.33
CA ARG C 380 13.35 5.30 28.47
C ARG C 380 12.58 4.41 29.39
N ILE C 381 11.59 3.68 28.84
CA ILE C 381 10.67 2.96 29.66
C ILE C 381 11.43 1.92 30.40
N SER C 382 12.23 1.15 29.65
CA SER C 382 12.97 0.02 30.12
C SER C 382 13.97 0.49 31.13
N GLU C 383 14.60 1.65 30.85
CA GLU C 383 15.63 2.13 31.73
C GLU C 383 15.01 2.39 33.05
N GLN C 384 13.80 2.96 33.06
CA GLN C 384 13.11 3.17 34.30
C GLN C 384 12.89 1.82 34.87
N PHE C 385 12.59 0.86 33.97
CA PHE C 385 12.06 -0.41 34.36
C PHE C 385 12.99 -1.06 35.32
N THR C 386 14.27 -1.22 34.94
CA THR C 386 15.20 -1.97 35.73
C THR C 386 15.48 -1.25 37.01
N ALA C 387 15.58 0.09 36.99
CA ALA C 387 15.95 0.78 38.18
C ALA C 387 14.91 0.47 39.20
N MET C 388 13.63 0.50 38.78
CA MET C 388 12.52 0.12 39.60
C MET C 388 12.66 -1.34 39.93
N PHE C 389 12.93 -2.14 38.90
CA PHE C 389 12.78 -3.57 38.88
C PHE C 389 13.74 -4.17 39.85
N ARG C 390 15.00 -3.72 39.78
CA ARG C 390 16.07 -4.33 40.50
C ARG C 390 15.73 -4.22 41.95
N ARG C 391 15.32 -3.02 42.38
CA ARG C 391 14.90 -2.78 43.73
C ARG C 391 13.58 -3.46 43.98
N LYS C 392 12.74 -3.60 42.92
CA LYS C 392 11.45 -4.25 43.00
C LYS C 392 10.48 -3.50 43.85
N ALA C 393 10.49 -2.15 43.81
CA ALA C 393 9.77 -1.44 44.83
C ALA C 393 8.30 -1.76 44.81
N PHE C 394 7.66 -1.59 43.63
CA PHE C 394 6.23 -1.64 43.50
C PHE C 394 5.71 -3.05 43.47
N LEU C 395 6.61 -4.00 43.17
CA LEU C 395 6.34 -5.27 42.54
C LEU C 395 5.30 -6.04 43.31
N HIS C 396 5.28 -5.95 44.65
CA HIS C 396 4.51 -6.86 45.45
C HIS C 396 3.08 -6.78 45.03
N TRP C 397 2.63 -5.57 44.63
CA TRP C 397 1.27 -5.42 44.22
C TRP C 397 1.04 -6.36 43.08
N TYR C 398 1.98 -6.39 42.12
CA TYR C 398 1.77 -7.21 40.96
C TYR C 398 1.71 -8.65 41.37
N THR C 399 2.73 -9.12 42.10
CA THR C 399 2.88 -10.53 42.38
C THR C 399 1.82 -10.98 43.33
N GLY C 400 1.43 -10.10 44.27
CA GLY C 400 0.40 -10.47 45.19
C GLY C 400 -0.80 -10.75 44.37
N GLU C 401 -0.94 -9.98 43.28
CA GLU C 401 -2.03 -10.09 42.35
C GLU C 401 -1.95 -11.41 41.68
N GLY C 402 -0.78 -12.09 41.75
CA GLY C 402 -0.68 -13.38 41.11
C GLY C 402 -0.03 -13.22 39.78
N MET C 403 1.20 -12.68 39.80
CA MET C 403 2.01 -12.44 38.64
C MET C 403 3.35 -13.10 38.86
N ASP C 404 4.16 -13.25 37.79
CA ASP C 404 5.40 -13.98 37.89
C ASP C 404 6.56 -13.02 37.88
N GLU C 405 7.66 -13.43 38.57
CA GLU C 405 8.89 -12.70 38.57
C GLU C 405 9.50 -12.75 37.20
N MET C 406 9.45 -13.94 36.57
CA MET C 406 10.08 -14.14 35.30
C MET C 406 9.42 -13.22 34.34
N GLU C 407 8.10 -13.05 34.50
CA GLU C 407 7.29 -12.36 33.56
C GLU C 407 7.83 -10.98 33.42
N PHE C 408 8.20 -10.34 34.55
CA PHE C 408 8.68 -8.99 34.47
C PHE C 408 9.91 -8.99 33.63
N THR C 409 10.84 -9.90 33.94
CA THR C 409 12.11 -9.87 33.28
C THR C 409 11.86 -10.05 31.82
N GLU C 410 10.95 -10.97 31.46
CA GLU C 410 10.81 -11.34 30.08
C GLU C 410 10.34 -10.16 29.31
N ALA C 411 9.35 -9.44 29.85
CA ALA C 411 8.72 -8.41 29.09
C ALA C 411 9.74 -7.38 28.77
N GLU C 412 10.56 -6.98 29.76
CA GLU C 412 11.47 -5.89 29.55
C GLU C 412 12.41 -6.25 28.44
N SER C 413 12.98 -7.46 28.50
CA SER C 413 14.06 -7.79 27.63
C SER C 413 13.56 -7.77 26.22
N ASN C 414 12.31 -8.24 26.02
CA ASN C 414 11.78 -8.34 24.69
C ASN C 414 11.71 -6.97 24.10
N MET C 415 11.09 -6.02 24.81
CA MET C 415 10.96 -4.70 24.28
C MET C 415 12.34 -4.14 24.17
N ASN C 416 13.17 -4.49 25.18
CA ASN C 416 14.48 -3.95 25.37
C ASN C 416 15.29 -4.25 24.15
N ASP C 417 15.33 -5.53 23.73
CA ASP C 417 16.06 -5.91 22.56
C ASP C 417 15.34 -5.39 21.36
N LEU C 418 14.02 -5.16 21.50
CA LEU C 418 13.24 -4.61 20.43
C LEU C 418 13.86 -3.29 20.10
N VAL C 419 14.32 -2.56 21.13
CA VAL C 419 15.02 -1.33 20.91
C VAL C 419 16.21 -1.65 20.06
N SER C 420 16.90 -2.74 20.40
CA SER C 420 18.15 -3.11 19.79
C SER C 420 17.90 -3.34 18.32
N GLU C 421 16.73 -3.88 17.97
CA GLU C 421 16.47 -4.20 16.59
C GLU C 421 16.52 -2.92 15.82
N TYR C 422 15.93 -1.85 16.39
CA TYR C 422 15.72 -0.64 15.66
C TYR C 422 17.05 -0.09 15.26
N GLN C 423 18.04 -0.18 16.17
CA GLN C 423 19.30 0.44 15.93
C GLN C 423 19.91 -0.16 14.72
N GLN C 424 19.70 -1.48 14.51
CA GLN C 424 20.44 -2.21 13.53
C GLN C 424 20.23 -1.55 12.21
N TYR C 425 18.97 -1.21 11.89
CA TYR C 425 18.65 -0.56 10.65
C TYR C 425 19.30 0.79 10.65
N GLN C 426 19.31 1.43 11.83
CA GLN C 426 19.74 2.79 11.96
C GLN C 426 21.13 2.85 11.43
N ASP C 427 21.97 1.87 11.78
CA ASP C 427 23.29 1.86 11.24
C ASP C 427 23.25 1.11 9.92
#